data_2A6D
#
_entry.id   2A6D
#
_cell.length_a   53.302
_cell.length_b   145.670
_cell.length_c   71.347
_cell.angle_alpha   90.00
_cell.angle_beta   104.43
_cell.angle_gamma   90.00
#
_symmetry.space_group_name_H-M   'P 1 21 1'
#
loop_
_entity.id
_entity.type
_entity.pdbx_description
1 polymer 'Germline antibody 36-65 Fab light chain'
2 polymer 'Germline antibody 36-65 Fab Heavy chain'
3 polymer 'Dodecapeptide, RLLIADPPSPRE'
4 water water
#
loop_
_entity_poly.entity_id
_entity_poly.type
_entity_poly.pdbx_seq_one_letter_code
_entity_poly.pdbx_strand_id
1 'polypeptide(L)'
;DIQMTQTTSSLSASLGDRVTISCRASQDISNYLNWYQQKPDGTVKLLIYYTSRLHSGVPSRFSGSGSGTDYSLTISNLEQ
EDIATYFCQQGNTLPRTFGGGTKLEIKRADAAPTVSIFPPSSEQLTSGGASVVCFLNNFYPKDINVKWKIDGSERQNGVL
NSWTDQDSKDSTYSMSSTLTLTKDEYERHNSYTCEATHKTSTSPIVKSFNRNEC
;
L,A
2 'polypeptide(L)'
;EVQLQQSGAELVRAGSSVKMSCKASGYTFTSYGINWVKQRPGQGLEWIGYINPGNGYTKYNEKFKGKTTLTVDKSSSTAY
MQLRSLTSEDSAVYFCARSVYYGGSYYFDYWGQGTTLTVSSAKTTPPSVYPLAPGSAAQTNSMVTLGCLVKGYFPEPVTV
TWNSGSLSSGVHTFPAVLQSDLYTLSSSVTVPSSPRPSETVTCNVAHPASSTKVDKKIVPRD
;
H,B
3 'polypeptide(L)' RLLIADPPSPRE P
#
# COMPACT_ATOMS: atom_id res chain seq x y z
N ASP A 1 12.42 -10.60 -32.05
CA ASP A 1 12.17 -10.18 -30.63
C ASP A 1 11.35 -8.87 -30.64
N ILE A 2 11.86 -7.84 -29.93
CA ILE A 2 11.20 -6.52 -29.89
C ILE A 2 12.03 -5.54 -30.73
N GLN A 3 11.57 -5.22 -31.94
CA GLN A 3 12.33 -4.30 -32.78
C GLN A 3 12.37 -2.94 -32.08
N MET A 4 13.34 -2.10 -32.45
CA MET A 4 13.45 -0.75 -31.90
C MET A 4 13.69 0.19 -33.06
N THR A 5 12.71 1.06 -33.31
CA THR A 5 12.81 1.98 -34.44
C THR A 5 12.78 3.47 -34.17
N GLN A 6 13.85 4.10 -34.62
CA GLN A 6 14.02 5.53 -34.51
C GLN A 6 13.89 6.08 -35.94
N THR A 7 12.70 6.55 -36.29
CA THR A 7 12.43 7.13 -37.60
C THR A 7 13.18 8.48 -37.70
N THR A 8 14.45 8.39 -38.14
CA THR A 8 15.38 9.51 -38.36
C THR A 8 16.79 9.09 -37.95
N SER A 9 17.68 9.15 -38.94
CA SER A 9 19.07 8.79 -38.75
C SER A 9 19.81 10.02 -38.29
N SER A 10 19.48 11.14 -38.92
CA SER A 10 20.11 12.42 -38.64
C SER A 10 19.08 13.52 -38.38
N LEU A 11 19.27 14.27 -37.30
CA LEU A 11 18.37 15.37 -36.94
C LEU A 11 19.10 16.70 -36.82
N SER A 12 18.58 17.69 -37.53
CA SER A 12 19.14 19.04 -37.57
C SER A 12 18.49 19.94 -36.54
N ALA A 13 19.26 20.91 -36.03
CA ALA A 13 18.79 21.89 -35.06
C ALA A 13 19.86 22.95 -34.82
N SER A 14 19.45 24.05 -34.17
CA SER A 14 20.36 25.14 -33.84
C SER A 14 20.49 25.17 -32.31
N LEU A 15 21.60 25.67 -31.78
CA LEU A 15 21.76 25.73 -30.34
C LEU A 15 20.71 26.73 -29.84
N GLY A 16 20.02 26.37 -28.76
CA GLY A 16 18.97 27.22 -28.22
C GLY A 16 17.60 26.63 -28.52
N ASP A 17 17.58 25.65 -29.42
CA ASP A 17 16.36 24.96 -29.82
C ASP A 17 15.95 23.85 -28.89
N ARG A 18 14.67 23.54 -28.93
CA ARG A 18 14.09 22.47 -28.14
C ARG A 18 14.13 21.30 -29.10
N VAL A 19 15.01 20.33 -28.84
CA VAL A 19 15.18 19.16 -29.71
C VAL A 19 14.51 17.87 -29.26
N THR A 20 13.78 17.24 -30.19
CA THR A 20 13.11 15.99 -29.87
C THR A 20 13.45 14.86 -30.84
N ILE A 21 14.01 13.80 -30.28
CA ILE A 21 14.33 12.64 -31.06
C ILE A 21 13.23 11.71 -30.61
N SER A 22 12.87 10.76 -31.47
CA SER A 22 11.81 9.82 -31.18
C SER A 22 12.28 8.38 -31.36
N CYS A 23 11.53 7.46 -30.74
CA CYS A 23 11.84 6.03 -30.75
C CYS A 23 10.58 5.13 -30.60
N ARG A 24 10.40 4.17 -31.52
CA ARG A 24 9.23 3.31 -31.49
C ARG A 24 9.48 1.81 -31.33
N ALA A 25 8.72 1.22 -30.42
CA ALA A 25 8.81 -0.20 -30.09
C ALA A 25 7.80 -1.06 -30.86
N SER A 26 8.30 -2.17 -31.38
CA SER A 26 7.48 -3.10 -32.13
C SER A 26 6.32 -3.56 -31.24
N GLN A 27 6.49 -3.46 -29.91
CA GLN A 27 5.45 -3.84 -28.92
C GLN A 27 5.45 -3.01 -27.62
N ASP A 28 4.65 -3.42 -26.62
CA ASP A 28 4.52 -2.73 -25.32
C ASP A 28 5.63 -3.02 -24.31
N ILE A 29 6.45 -1.99 -24.09
CA ILE A 29 7.61 -2.05 -23.20
C ILE A 29 7.25 -1.80 -21.74
N SER A 30 5.99 -1.40 -21.54
CA SER A 30 5.46 -1.10 -20.21
C SER A 30 6.43 -0.20 -19.41
N ASN A 31 6.92 0.80 -20.14
CA ASN A 31 7.81 1.86 -19.65
C ASN A 31 9.26 1.53 -19.29
N TYR A 32 9.81 0.51 -19.96
CA TYR A 32 11.17 0.07 -19.69
C TYR A 32 12.12 0.49 -20.81
N LEU A 33 12.22 1.80 -21.00
CA LEU A 33 13.08 2.37 -22.03
C LEU A 33 14.13 3.22 -21.37
N ASN A 34 15.30 3.25 -22.01
CA ASN A 34 16.44 3.99 -21.52
C ASN A 34 17.03 4.78 -22.69
N TRP A 35 17.74 5.88 -22.37
CA TRP A 35 18.39 6.72 -23.38
C TRP A 35 19.90 6.83 -23.16
N TYR A 36 20.67 6.61 -24.21
CA TYR A 36 22.12 6.66 -24.17
C TYR A 36 22.64 7.73 -25.10
N GLN A 37 23.73 8.37 -24.71
CA GLN A 37 24.28 9.42 -25.51
C GLN A 37 25.67 9.02 -25.84
N GLN A 38 26.01 9.02 -27.13
CA GLN A 38 27.36 8.67 -27.54
C GLN A 38 27.97 9.85 -28.23
N LYS A 39 29.07 10.34 -27.66
CA LYS A 39 29.76 11.46 -28.27
C LYS A 39 30.75 10.96 -29.29
N PRO A 40 30.99 11.77 -30.32
CA PRO A 40 31.89 11.46 -31.41
C PRO A 40 33.14 10.67 -31.00
N ASP A 41 33.79 11.06 -29.89
CA ASP A 41 34.99 10.33 -29.46
C ASP A 41 34.68 8.88 -29.04
N GLY A 42 33.48 8.42 -29.40
CA GLY A 42 33.06 7.05 -29.09
C GLY A 42 32.48 6.72 -27.72
N THR A 43 32.78 7.52 -26.71
CA THR A 43 32.30 7.26 -25.35
C THR A 43 30.77 7.38 -25.22
N VAL A 44 30.20 6.49 -24.42
CA VAL A 44 28.76 6.48 -24.21
C VAL A 44 28.40 6.74 -22.76
N LYS A 45 27.32 7.48 -22.55
CA LYS A 45 26.87 7.80 -21.21
C LYS A 45 25.40 7.41 -21.05
N LEU A 46 24.86 7.48 -19.83
CA LEU A 46 23.46 7.14 -19.60
C LEU A 46 22.80 8.43 -19.20
N LEU A 47 21.84 8.86 -20.01
CA LEU A 47 21.14 10.11 -19.71
C LEU A 47 19.87 9.85 -18.94
N ILE A 48 19.08 8.93 -19.46
CA ILE A 48 17.82 8.66 -18.85
C ILE A 48 17.47 7.19 -18.77
N TYR A 49 16.65 6.82 -17.79
CA TYR A 49 16.24 5.44 -17.66
C TYR A 49 14.79 5.32 -17.20
N TYR A 50 14.27 4.10 -17.32
CA TYR A 50 12.90 3.75 -16.96
C TYR A 50 11.92 4.71 -17.62
N THR A 51 11.43 4.26 -18.77
CA THR A 51 10.44 4.97 -19.59
C THR A 51 10.72 6.44 -19.70
N SER A 52 12.00 6.78 -19.68
CA SER A 52 12.35 8.16 -19.76
C SER A 52 11.86 8.64 -18.40
N ARG A 53 12.00 9.93 -18.12
CA ARG A 53 11.61 10.47 -16.82
C ARG A 53 12.85 10.41 -15.92
N LEU A 54 13.41 9.22 -15.69
CA LEU A 54 14.57 9.15 -14.79
C LEU A 54 15.95 9.67 -15.32
N HIS A 55 16.61 10.50 -14.52
CA HIS A 55 17.91 11.09 -14.82
C HIS A 55 19.13 10.33 -14.29
N SER A 56 20.22 11.03 -13.93
CA SER A 56 21.45 10.38 -13.42
C SER A 56 22.54 11.31 -12.83
N GLY A 57 22.58 12.54 -13.32
CA GLY A 57 23.56 13.56 -12.91
C GLY A 57 23.56 14.56 -14.06
N VAL A 58 22.82 14.17 -15.09
CA VAL A 58 22.64 14.94 -16.31
C VAL A 58 21.82 16.21 -16.05
N PRO A 59 22.19 17.31 -16.74
CA PRO A 59 21.55 18.63 -16.64
C PRO A 59 20.03 18.58 -16.81
N SER A 60 19.37 19.62 -16.33
CA SER A 60 17.91 19.73 -16.39
C SER A 60 17.29 19.83 -17.81
N ARG A 61 18.00 20.40 -18.78
CA ARG A 61 17.49 20.51 -20.15
C ARG A 61 17.08 19.15 -20.71
N PHE A 62 17.61 18.08 -20.12
CA PHE A 62 17.29 16.75 -20.57
C PHE A 62 15.98 16.32 -19.93
N SER A 63 15.02 15.98 -20.76
CA SER A 63 13.69 15.57 -20.32
C SER A 63 13.35 14.23 -21.00
N GLY A 64 12.22 13.60 -20.66
CA GLY A 64 11.87 12.33 -21.29
C GLY A 64 10.48 11.77 -21.00
N SER A 65 9.81 11.22 -22.01
CA SER A 65 8.46 10.70 -21.79
C SER A 65 8.10 9.52 -22.68
N GLY A 66 6.80 9.25 -22.73
CA GLY A 66 6.27 8.15 -23.53
C GLY A 66 5.64 7.05 -22.71
N SER A 67 5.16 6.02 -23.41
CA SER A 67 4.53 4.85 -22.79
C SER A 67 4.18 3.86 -23.91
N GLY A 68 3.98 2.59 -23.57
CA GLY A 68 3.65 1.61 -24.58
C GLY A 68 4.64 1.47 -25.73
N THR A 69 4.29 1.94 -26.91
CA THR A 69 5.16 1.79 -28.10
C THR A 69 6.01 3.02 -28.41
N ASP A 70 5.49 4.20 -28.09
CA ASP A 70 6.19 5.46 -28.37
C ASP A 70 6.85 6.05 -27.14
N TYR A 71 7.98 6.70 -27.36
CA TYR A 71 8.77 7.31 -26.30
C TYR A 71 9.67 8.36 -26.94
N SER A 72 10.13 9.36 -26.19
CA SER A 72 11.02 10.35 -26.79
C SER A 72 11.82 11.22 -25.79
N LEU A 73 13.04 11.56 -26.18
CA LEU A 73 13.94 12.39 -25.38
C LEU A 73 13.90 13.83 -25.90
N THR A 74 13.82 14.79 -24.99
CA THR A 74 13.73 16.17 -25.40
C THR A 74 14.82 16.91 -24.69
N ILE A 75 15.52 17.75 -25.46
CA ILE A 75 16.57 18.57 -24.90
C ILE A 75 16.02 19.96 -25.10
N SER A 76 15.36 20.47 -24.07
CA SER A 76 14.71 21.78 -24.15
C SER A 76 15.57 22.91 -24.68
N ASN A 77 16.85 22.89 -24.38
CA ASN A 77 17.69 23.97 -24.88
C ASN A 77 19.06 23.44 -25.29
N LEU A 78 19.24 23.23 -26.59
CA LEU A 78 20.48 22.67 -27.16
C LEU A 78 21.76 23.48 -26.95
N GLU A 79 22.79 22.74 -26.54
CA GLU A 79 24.11 23.27 -26.25
C GLU A 79 25.14 22.43 -26.98
N GLN A 80 26.18 23.10 -27.48
CA GLN A 80 27.22 22.44 -28.24
C GLN A 80 27.63 21.04 -27.79
N GLU A 81 27.78 20.85 -26.48
CA GLU A 81 28.18 19.54 -25.97
C GLU A 81 27.13 18.49 -26.22
N ASP A 82 25.89 18.91 -26.43
CA ASP A 82 24.82 17.96 -26.67
C ASP A 82 24.86 17.36 -28.06
N ILE A 83 25.71 17.89 -28.93
CA ILE A 83 25.78 17.33 -30.25
C ILE A 83 26.45 15.97 -30.19
N ALA A 84 25.63 14.92 -30.26
CA ALA A 84 26.12 13.56 -30.18
C ALA A 84 25.09 12.61 -30.79
N THR A 85 25.30 11.32 -30.64
CA THR A 85 24.33 10.37 -31.17
C THR A 85 23.55 9.76 -30.01
N TYR A 86 22.23 9.76 -30.12
CA TYR A 86 21.37 9.22 -29.08
C TYR A 86 20.67 7.90 -29.48
N PHE A 87 20.84 6.87 -28.66
CA PHE A 87 20.21 5.57 -28.91
C PHE A 87 19.18 5.29 -27.83
N CYS A 88 18.10 4.60 -28.19
CA CYS A 88 17.12 4.24 -27.18
C CYS A 88 17.26 2.75 -27.02
N GLN A 89 16.78 2.23 -25.91
CA GLN A 89 16.92 0.81 -25.66
C GLN A 89 15.85 0.25 -24.72
N GLN A 90 15.06 -0.69 -25.24
CA GLN A 90 13.98 -1.37 -24.48
C GLN A 90 14.57 -2.43 -23.57
N GLY A 91 14.37 -2.28 -22.26
CA GLY A 91 14.86 -3.27 -21.33
C GLY A 91 13.71 -4.08 -20.77
N ASN A 92 12.77 -4.45 -21.65
CA ASN A 92 11.55 -5.21 -21.29
C ASN A 92 11.67 -6.68 -21.59
N THR A 93 12.06 -6.99 -22.82
CA THR A 93 12.12 -8.38 -23.21
C THR A 93 13.44 -8.79 -23.83
N LEU A 94 13.95 -9.92 -23.34
CA LEU A 94 15.20 -10.46 -23.83
C LEU A 94 15.07 -10.91 -25.30
N PRO A 95 16.10 -10.61 -26.12
CA PRO A 95 17.30 -9.87 -25.70
C PRO A 95 17.07 -8.35 -25.67
N ARG A 96 18.07 -7.65 -25.13
CA ARG A 96 18.05 -6.19 -25.01
C ARG A 96 18.42 -5.57 -26.35
N THR A 97 17.48 -4.82 -26.92
CA THR A 97 17.67 -4.20 -28.20
C THR A 97 17.73 -2.68 -28.13
N PHE A 98 18.50 -2.10 -29.07
CA PHE A 98 18.76 -0.66 -29.23
C PHE A 98 18.11 -0.04 -30.45
N GLY A 99 18.25 1.26 -30.60
CA GLY A 99 17.70 1.94 -31.76
C GLY A 99 18.79 2.44 -32.69
N GLY A 100 18.58 2.33 -33.99
CA GLY A 100 19.60 2.78 -34.94
C GLY A 100 20.43 3.98 -34.53
N GLY A 101 19.86 4.85 -33.71
CA GLY A 101 20.56 6.04 -33.26
C GLY A 101 20.22 7.28 -34.07
N THR A 102 20.11 8.41 -33.39
CA THR A 102 19.79 9.67 -34.06
C THR A 102 20.89 10.71 -33.82
N LYS A 103 21.71 10.95 -34.83
CA LYS A 103 22.81 11.89 -34.75
C LYS A 103 22.31 13.29 -35.02
N LEU A 104 22.64 14.22 -34.13
CA LEU A 104 22.18 15.57 -34.34
C LEU A 104 23.23 16.22 -35.18
N GLU A 105 22.91 17.37 -35.77
CA GLU A 105 23.86 18.12 -36.60
C GLU A 105 23.38 19.56 -36.69
N ILE A 106 24.31 20.51 -36.72
CA ILE A 106 23.99 21.93 -36.79
C ILE A 106 23.41 22.34 -38.13
N LYS A 107 22.43 23.26 -38.07
CA LYS A 107 21.77 23.81 -39.24
C LYS A 107 22.61 24.93 -39.86
N ARG A 108 22.80 24.83 -41.17
CA ARG A 108 23.61 25.75 -41.93
C ARG A 108 22.83 26.13 -43.19
N ALA A 109 23.20 27.24 -43.81
CA ALA A 109 22.54 27.63 -45.05
C ALA A 109 22.97 26.57 -46.06
N ASP A 110 22.16 26.34 -47.09
CA ASP A 110 22.54 25.36 -48.09
C ASP A 110 23.75 25.94 -48.79
N ALA A 111 24.69 25.07 -49.15
CA ALA A 111 25.96 25.52 -49.72
C ALA A 111 26.36 25.15 -51.14
N ALA A 112 26.28 23.85 -51.45
CA ALA A 112 26.66 23.35 -52.80
C ALA A 112 28.17 23.09 -52.84
N PRO A 113 28.53 21.82 -53.05
CA PRO A 113 29.91 21.34 -53.11
C PRO A 113 30.79 22.02 -54.09
N THR A 114 32.07 21.88 -53.86
CA THR A 114 33.04 22.44 -54.75
C THR A 114 33.65 21.18 -55.32
N VAL A 115 33.30 20.88 -56.57
CA VAL A 115 33.76 19.67 -57.21
C VAL A 115 35.13 19.82 -57.92
N SER A 116 36.05 18.89 -57.67
CA SER A 116 37.38 18.90 -58.29
C SER A 116 37.84 17.52 -58.80
N ILE A 117 38.32 17.43 -60.03
CA ILE A 117 38.82 16.15 -60.56
C ILE A 117 40.34 16.16 -60.59
N PHE A 118 40.90 14.96 -60.58
CA PHE A 118 42.33 14.78 -60.62
C PHE A 118 42.68 13.48 -61.35
N PRO A 119 43.55 13.59 -62.37
CA PRO A 119 43.95 12.41 -63.13
C PRO A 119 44.96 11.61 -62.35
N PRO A 120 45.26 10.40 -62.82
CA PRO A 120 46.23 9.58 -62.11
C PRO A 120 47.57 10.31 -62.15
N SER A 121 48.39 10.09 -61.12
CA SER A 121 49.71 10.73 -61.06
C SER A 121 50.77 9.83 -61.65
N SER A 122 51.69 10.45 -62.38
CA SER A 122 52.83 9.79 -63.01
C SER A 122 53.46 8.77 -62.07
N GLU A 123 53.69 9.18 -60.83
CA GLU A 123 54.31 8.30 -59.85
C GLU A 123 53.47 7.00 -59.75
N GLN A 124 52.16 7.11 -59.91
CA GLN A 124 51.29 5.92 -59.82
C GLN A 124 51.26 5.16 -61.13
N LEU A 125 51.04 5.89 -62.22
CA LEU A 125 50.99 5.26 -63.53
C LEU A 125 52.22 4.37 -63.78
N THR A 126 53.41 4.84 -63.42
CA THR A 126 54.58 4.01 -63.65
C THR A 126 54.54 2.74 -62.78
N SER A 127 53.65 2.71 -61.79
CA SER A 127 53.53 1.50 -60.97
C SER A 127 52.62 0.59 -61.73
N GLY A 128 51.87 1.17 -62.65
CA GLY A 128 50.92 0.42 -63.46
C GLY A 128 49.50 0.60 -62.95
N GLY A 129 49.35 1.47 -61.95
CA GLY A 129 48.05 1.75 -61.39
C GLY A 129 47.61 3.10 -61.95
N ALA A 130 46.34 3.43 -61.73
CA ALA A 130 45.76 4.70 -62.21
C ALA A 130 44.47 5.06 -61.47
N SER A 131 44.54 6.03 -60.57
CA SER A 131 43.35 6.43 -59.82
C SER A 131 42.90 7.84 -60.11
N VAL A 132 41.62 8.01 -60.47
CA VAL A 132 41.08 9.34 -60.70
C VAL A 132 40.33 9.66 -59.43
N VAL A 133 40.66 10.80 -58.83
CA VAL A 133 40.04 11.24 -57.58
C VAL A 133 39.14 12.44 -57.76
N CYS A 134 38.15 12.56 -56.90
CA CYS A 134 37.22 13.66 -57.00
C CYS A 134 36.75 14.15 -55.66
N PHE A 135 37.03 15.42 -55.34
CA PHE A 135 36.61 16.00 -54.08
C PHE A 135 35.38 16.91 -54.20
N LEU A 136 34.40 16.66 -53.34
CA LEU A 136 33.18 17.45 -53.30
C LEU A 136 33.22 18.04 -51.90
N ASN A 137 33.90 19.18 -51.80
CA ASN A 137 34.12 19.85 -50.51
C ASN A 137 33.15 20.93 -50.06
N ASN A 138 32.92 20.93 -48.75
CA ASN A 138 32.09 21.91 -48.07
C ASN A 138 30.75 22.15 -48.71
N PHE A 139 29.83 21.23 -48.44
CA PHE A 139 28.49 21.33 -48.95
C PHE A 139 27.57 20.97 -47.80
N TYR A 140 26.31 21.38 -47.91
CA TYR A 140 25.30 21.12 -46.90
C TYR A 140 23.93 21.28 -47.54
N PRO A 141 22.96 20.42 -47.19
CA PRO A 141 23.02 19.31 -46.24
C PRO A 141 24.02 18.23 -46.63
N LYS A 142 24.01 17.15 -45.86
CA LYS A 142 24.95 16.04 -46.03
C LYS A 142 24.63 14.98 -47.08
N ASP A 143 23.49 15.10 -47.75
CA ASP A 143 23.14 14.11 -48.74
C ASP A 143 23.71 14.57 -50.06
N ILE A 144 24.38 13.66 -50.74
CA ILE A 144 24.98 13.98 -51.99
C ILE A 144 25.14 12.68 -52.70
N ASN A 145 25.08 12.74 -54.03
CA ASN A 145 25.26 11.55 -54.84
C ASN A 145 26.26 11.90 -55.95
N VAL A 146 27.28 11.07 -56.07
CA VAL A 146 28.32 11.27 -57.07
C VAL A 146 28.18 10.17 -58.14
N LYS A 147 28.49 10.50 -59.38
CA LYS A 147 28.36 9.53 -60.45
C LYS A 147 29.54 9.64 -61.40
N TRP A 148 30.24 8.52 -61.64
CA TRP A 148 31.39 8.53 -62.55
C TRP A 148 31.08 8.18 -64.02
N LYS A 149 31.78 8.83 -64.93
CA LYS A 149 31.62 8.57 -66.35
C LYS A 149 32.98 8.42 -67.06
N ILE A 150 33.13 7.30 -67.76
CA ILE A 150 34.31 7.00 -68.55
C ILE A 150 33.82 7.09 -69.97
N ASP A 151 34.40 7.97 -70.74
CA ASP A 151 33.99 8.13 -72.12
C ASP A 151 32.47 8.17 -72.28
N GLY A 152 31.84 9.09 -71.56
CA GLY A 152 30.39 9.29 -71.64
C GLY A 152 29.48 8.25 -71.00
N SER A 153 30.04 7.28 -70.30
CA SER A 153 29.13 6.29 -69.76
C SER A 153 29.55 5.53 -68.51
N GLU A 154 28.64 4.67 -68.08
CA GLU A 154 28.91 3.72 -67.04
C GLU A 154 29.62 4.16 -65.76
N ARG A 155 30.49 3.22 -65.36
CA ARG A 155 31.41 3.19 -64.26
C ARG A 155 30.96 3.26 -62.82
N GLN A 156 30.95 2.06 -62.26
CA GLN A 156 30.56 1.83 -60.91
C GLN A 156 31.65 1.06 -60.21
N ASN A 157 32.33 0.22 -60.98
CA ASN A 157 33.40 -0.58 -60.43
C ASN A 157 34.60 0.32 -60.15
N GLY A 158 35.29 0.03 -59.04
CA GLY A 158 36.49 0.78 -58.67
C GLY A 158 36.23 2.06 -57.91
N VAL A 159 34.97 2.47 -57.93
CA VAL A 159 34.55 3.67 -57.25
C VAL A 159 34.40 3.45 -55.74
N LEU A 160 35.27 4.09 -54.97
CA LEU A 160 35.23 4.00 -53.51
C LEU A 160 35.06 5.39 -52.95
N ASN A 161 34.03 5.58 -52.13
CA ASN A 161 33.77 6.90 -51.55
C ASN A 161 34.08 7.01 -50.05
N SER A 162 34.34 8.23 -49.59
CA SER A 162 34.58 8.52 -48.18
C SER A 162 33.83 9.80 -47.90
N TRP A 163 33.35 9.94 -46.68
CA TRP A 163 32.58 11.11 -46.29
C TRP A 163 33.10 11.59 -44.93
N THR A 164 33.17 12.91 -44.76
CA THR A 164 33.66 13.47 -43.51
C THR A 164 32.46 13.86 -42.67
N ASP A 165 32.60 13.80 -41.35
CA ASP A 165 31.57 14.21 -40.41
C ASP A 165 31.35 15.70 -40.67
N GLN A 166 30.43 16.34 -39.96
CA GLN A 166 30.17 17.76 -40.17
C GLN A 166 31.38 18.57 -39.64
N ASP A 167 31.67 19.70 -40.26
CA ASP A 167 32.80 20.53 -39.86
C ASP A 167 32.44 21.24 -38.54
N SER A 168 33.43 21.72 -37.81
CA SER A 168 33.21 22.40 -36.53
C SER A 168 33.25 23.91 -36.64
N LYS A 169 34.03 24.43 -37.58
CA LYS A 169 34.09 25.88 -37.76
C LYS A 169 32.79 26.21 -38.51
N ASP A 170 32.67 25.75 -39.77
CA ASP A 170 31.43 25.97 -40.50
C ASP A 170 30.75 24.62 -40.31
N SER A 171 29.62 24.36 -40.92
CA SER A 171 29.01 23.06 -40.66
C SER A 171 28.77 22.25 -41.91
N THR A 172 29.71 22.34 -42.84
CA THR A 172 29.61 21.64 -44.12
C THR A 172 30.24 20.24 -44.15
N TYR A 173 29.73 19.39 -45.04
CA TYR A 173 30.26 18.05 -45.19
C TYR A 173 31.13 18.04 -46.42
N SER A 174 31.98 17.01 -46.53
CA SER A 174 32.84 16.87 -47.69
C SER A 174 32.89 15.41 -48.08
N MET A 175 33.18 15.16 -49.36
CA MET A 175 33.25 13.81 -49.84
C MET A 175 34.35 13.49 -50.84
N SER A 176 35.04 12.39 -50.59
CA SER A 176 36.12 11.93 -51.47
C SER A 176 35.64 10.78 -52.32
N SER A 177 35.99 10.79 -53.59
CA SER A 177 35.58 9.71 -54.47
C SER A 177 36.72 9.31 -55.38
N THR A 178 37.04 8.02 -55.34
CA THR A 178 38.13 7.53 -56.14
C THR A 178 37.75 6.35 -57.03
N LEU A 179 38.10 6.46 -58.30
CA LEU A 179 37.82 5.41 -59.29
C LEU A 179 39.15 4.77 -59.67
N THR A 180 39.35 3.53 -59.27
CA THR A 180 40.61 2.88 -59.58
C THR A 180 40.58 1.91 -60.75
N LEU A 181 41.48 2.16 -61.70
CA LEU A 181 41.65 1.38 -62.90
C LEU A 181 43.10 0.88 -63.01
N THR A 182 43.42 0.28 -64.16
CA THR A 182 44.74 -0.23 -64.43
C THR A 182 45.29 0.67 -65.50
N LYS A 183 46.57 1.01 -65.41
CA LYS A 183 47.15 1.91 -66.39
C LYS A 183 46.66 1.55 -67.79
N ASP A 184 46.59 0.26 -68.09
CA ASP A 184 46.14 -0.12 -69.41
C ASP A 184 44.70 0.29 -69.67
N GLU A 185 43.81 -0.05 -68.74
CA GLU A 185 42.41 0.30 -68.91
C GLU A 185 42.32 1.81 -69.02
N TYR A 186 42.97 2.47 -68.09
CA TYR A 186 42.94 3.91 -68.05
C TYR A 186 43.31 4.50 -69.38
N GLU A 187 44.38 3.98 -69.96
CA GLU A 187 44.91 4.46 -71.25
C GLU A 187 44.06 4.12 -72.48
N ARG A 188 43.09 3.22 -72.30
CA ARG A 188 42.18 2.83 -73.38
C ARG A 188 41.04 3.79 -73.56
N HIS A 189 40.92 4.77 -72.67
CA HIS A 189 39.81 5.71 -72.75
C HIS A 189 40.22 7.18 -72.62
N ASN A 190 39.41 8.08 -73.16
CA ASN A 190 39.81 9.48 -73.13
C ASN A 190 39.31 10.44 -72.07
N SER A 191 37.99 10.63 -72.01
CA SER A 191 37.39 11.53 -71.03
C SER A 191 36.88 10.81 -69.79
N TYR A 192 37.11 11.39 -68.63
CA TYR A 192 36.60 10.80 -67.39
C TYR A 192 35.75 11.87 -66.73
N THR A 193 34.57 11.50 -66.24
CA THR A 193 33.73 12.51 -65.63
C THR A 193 33.28 12.20 -64.21
N CYS A 194 33.22 13.24 -63.40
CA CYS A 194 32.83 13.12 -62.02
C CYS A 194 31.63 14.06 -61.86
N GLU A 195 30.43 13.46 -61.77
CA GLU A 195 29.16 14.19 -61.67
C GLU A 195 28.53 14.20 -60.30
N ALA A 196 28.58 15.38 -59.67
CA ALA A 196 28.03 15.58 -58.33
C ALA A 196 26.62 16.12 -58.36
N THR A 197 25.69 15.31 -57.88
CA THR A 197 24.31 15.69 -57.80
C THR A 197 23.95 16.03 -56.36
N HIS A 198 23.52 17.27 -56.13
CA HIS A 198 23.14 17.74 -54.79
C HIS A 198 21.79 18.44 -54.82
N LYS A 199 21.09 18.47 -53.70
CA LYS A 199 19.78 19.13 -53.68
C LYS A 199 19.87 20.63 -53.92
N THR A 200 21.09 21.15 -53.89
CA THR A 200 21.33 22.59 -54.06
C THR A 200 21.05 23.16 -55.49
N SER A 201 20.74 22.26 -56.43
CA SER A 201 20.35 22.56 -57.84
C SER A 201 19.94 21.24 -58.56
N THR A 202 19.25 21.34 -59.69
CA THR A 202 18.80 20.14 -60.41
C THR A 202 19.89 19.56 -61.30
N SER A 203 20.66 20.49 -61.85
CA SER A 203 21.75 20.21 -62.76
C SER A 203 22.99 19.73 -61.99
N PRO A 204 23.47 18.53 -62.30
CA PRO A 204 24.64 17.90 -61.67
C PRO A 204 25.89 18.72 -61.94
N ILE A 205 26.70 18.96 -60.91
CA ILE A 205 27.96 19.69 -61.12
C ILE A 205 28.89 18.72 -61.83
N VAL A 206 29.27 19.10 -63.04
CA VAL A 206 30.13 18.26 -63.85
C VAL A 206 31.54 18.77 -64.07
N LYS A 207 32.51 18.00 -63.59
CA LYS A 207 33.92 18.32 -63.76
C LYS A 207 34.59 17.10 -64.38
N SER A 208 35.38 17.35 -65.41
CA SER A 208 36.06 16.26 -66.11
C SER A 208 37.27 16.72 -66.90
N PHE A 209 37.97 15.74 -67.46
CA PHE A 209 39.16 15.96 -68.28
C PHE A 209 39.31 14.87 -69.35
N ASN A 210 40.15 15.13 -70.36
CA ASN A 210 40.38 14.15 -71.41
C ASN A 210 41.86 13.84 -71.43
N ARG A 211 42.24 12.57 -71.40
CA ARG A 211 43.66 12.25 -71.44
C ARG A 211 44.32 12.89 -72.66
N ASN A 212 43.61 12.92 -73.79
CA ASN A 212 44.21 13.49 -74.99
C ASN A 212 44.63 14.94 -74.78
N GLU A 213 43.84 15.69 -74.01
CA GLU A 213 44.13 17.09 -73.75
C GLU A 213 45.23 17.32 -72.70
N CYS A 214 45.61 16.27 -71.98
CA CYS A 214 46.66 16.40 -70.97
C CYS A 214 47.99 16.64 -71.70
N GLU B 1 33.92 7.33 -7.44
CA GLU B 1 33.74 7.39 -8.93
C GLU B 1 33.86 5.98 -9.51
N VAL B 2 32.77 5.55 -10.14
CA VAL B 2 32.72 4.23 -10.78
C VAL B 2 33.44 4.31 -12.13
N GLN B 3 34.39 3.41 -12.34
CA GLN B 3 35.17 3.37 -13.56
C GLN B 3 35.22 1.96 -14.11
N LEU B 4 35.49 1.84 -15.41
CA LEU B 4 35.56 0.55 -16.06
C LEU B 4 36.47 0.73 -17.25
N GLN B 5 37.70 0.26 -17.11
CA GLN B 5 38.66 0.37 -18.20
C GLN B 5 38.73 -0.94 -18.96
N GLN B 6 38.60 -0.85 -20.28
CA GLN B 6 38.68 -2.02 -21.15
C GLN B 6 40.09 -2.20 -21.71
N SER B 7 40.32 -3.32 -22.41
CA SER B 7 41.64 -3.60 -23.00
C SER B 7 41.97 -2.70 -24.19
N GLY B 8 43.25 -2.70 -24.56
CA GLY B 8 43.70 -1.93 -25.71
C GLY B 8 43.09 -2.58 -26.94
N ALA B 9 43.22 -1.93 -28.10
CA ALA B 9 42.64 -2.47 -29.33
C ALA B 9 43.36 -3.74 -29.79
N GLU B 10 42.70 -4.55 -30.62
CA GLU B 10 43.33 -5.78 -31.10
C GLU B 10 43.27 -6.10 -32.59
N LEU B 11 44.34 -6.76 -33.02
CA LEU B 11 44.56 -7.18 -34.39
C LEU B 11 44.64 -8.69 -34.39
N VAL B 12 43.68 -9.38 -35.01
CA VAL B 12 43.69 -10.83 -35.02
C VAL B 12 43.19 -11.51 -36.29
N ARG B 13 43.97 -12.49 -36.75
CA ARG B 13 43.70 -13.33 -37.92
C ARG B 13 42.32 -13.97 -37.73
N ALA B 14 41.49 -14.03 -38.75
CA ALA B 14 40.17 -14.67 -38.58
C ALA B 14 40.36 -16.16 -38.19
N GLY B 15 39.27 -16.84 -37.86
CA GLY B 15 39.36 -18.23 -37.43
C GLY B 15 39.90 -18.31 -36.00
N SER B 16 40.69 -17.30 -35.65
CA SER B 16 41.33 -17.19 -34.33
C SER B 16 40.37 -16.84 -33.17
N SER B 17 40.95 -16.48 -32.03
CA SER B 17 40.15 -16.14 -30.85
C SER B 17 40.82 -15.04 -30.01
N VAL B 18 40.02 -14.26 -29.28
CA VAL B 18 40.59 -13.20 -28.45
C VAL B 18 39.80 -13.03 -27.15
N LYS B 19 40.49 -12.60 -26.09
CA LYS B 19 39.87 -12.36 -24.79
C LYS B 19 40.18 -10.93 -24.35
N MET B 20 39.17 -10.06 -24.35
CA MET B 20 39.39 -8.67 -23.94
C MET B 20 38.98 -8.45 -22.47
N SER B 21 39.61 -7.46 -21.82
CA SER B 21 39.39 -7.12 -20.39
C SER B 21 38.55 -5.89 -20.09
N CYS B 22 37.83 -5.96 -18.98
CA CYS B 22 37.00 -4.86 -18.53
C CYS B 22 37.14 -4.80 -17.00
N LYS B 23 38.01 -3.93 -16.51
CA LYS B 23 38.32 -3.81 -15.08
C LYS B 23 37.58 -2.72 -14.30
N ALA B 24 36.77 -3.14 -13.33
CA ALA B 24 35.99 -2.21 -12.50
C ALA B 24 36.73 -1.64 -11.29
N SER B 25 36.27 -0.48 -10.82
CA SER B 25 36.92 0.17 -9.70
C SER B 25 35.89 1.12 -9.12
N GLY B 26 36.01 1.44 -7.83
CA GLY B 26 35.07 2.37 -7.22
C GLY B 26 33.72 1.78 -6.80
N TYR B 27 33.64 0.46 -6.63
CA TYR B 27 32.38 -0.17 -6.19
C TYR B 27 32.46 -1.70 -5.97
N THR B 28 31.42 -2.28 -5.34
CA THR B 28 31.36 -3.73 -5.07
C THR B 28 31.20 -4.46 -6.42
N PHE B 29 32.31 -4.97 -6.94
CA PHE B 29 32.34 -5.65 -8.23
C PHE B 29 31.34 -6.80 -8.36
N THR B 30 31.13 -7.48 -7.25
CA THR B 30 30.24 -8.62 -7.18
C THR B 30 28.74 -8.27 -7.11
N SER B 31 28.43 -7.02 -6.81
CA SER B 31 27.05 -6.56 -6.62
C SER B 31 26.21 -6.15 -7.83
N TYR B 32 26.85 -6.08 -9.00
CA TYR B 32 26.17 -5.68 -10.24
C TYR B 32 26.64 -6.43 -11.45
N GLY B 33 25.73 -6.59 -12.41
CA GLY B 33 26.04 -7.27 -13.65
C GLY B 33 26.81 -6.48 -14.72
N ILE B 34 27.56 -7.24 -15.51
CA ILE B 34 28.36 -6.71 -16.60
C ILE B 34 27.72 -7.11 -17.91
N ASN B 35 27.62 -6.16 -18.82
CA ASN B 35 27.04 -6.42 -20.10
C ASN B 35 28.08 -6.17 -21.16
N TRP B 36 27.81 -6.63 -22.38
CA TRP B 36 28.72 -6.41 -23.46
C TRP B 36 27.88 -6.11 -24.67
N VAL B 37 28.10 -4.92 -25.20
CA VAL B 37 27.44 -4.43 -26.39
C VAL B 37 28.53 -4.28 -27.45
N LYS B 38 28.17 -4.58 -28.70
CA LYS B 38 29.11 -4.50 -29.82
C LYS B 38 28.62 -3.41 -30.74
N GLN B 39 29.56 -2.70 -31.35
CA GLN B 39 29.19 -1.63 -32.29
C GLN B 39 30.05 -1.67 -33.55
N ARG B 40 29.37 -1.77 -34.68
CA ARG B 40 30.03 -1.81 -35.96
C ARG B 40 29.70 -0.50 -36.65
N PRO B 41 30.67 0.07 -37.40
CA PRO B 41 30.43 1.35 -38.09
C PRO B 41 29.02 1.48 -38.67
N GLY B 42 28.44 0.34 -39.09
CA GLY B 42 27.09 0.33 -39.65
C GLY B 42 26.05 0.58 -38.57
N GLN B 43 26.36 1.57 -37.74
CA GLN B 43 25.55 2.02 -36.62
C GLN B 43 24.85 0.92 -35.81
N GLY B 44 24.22 1.33 -34.72
CA GLY B 44 23.52 0.36 -33.88
C GLY B 44 24.45 -0.31 -32.90
N LEU B 45 23.92 -0.61 -31.73
CA LEU B 45 24.66 -1.26 -30.68
C LEU B 45 23.98 -2.60 -30.39
N GLU B 46 24.70 -3.70 -30.63
CA GLU B 46 24.12 -5.02 -30.40
C GLU B 46 24.27 -5.42 -28.94
N TRP B 47 23.45 -6.36 -28.49
CA TRP B 47 23.55 -6.81 -27.13
C TRP B 47 24.18 -8.18 -27.12
N ILE B 48 25.46 -8.28 -26.82
CA ILE B 48 26.09 -9.58 -26.75
C ILE B 48 25.46 -10.42 -25.63
N GLY B 49 25.67 -10.01 -24.39
CA GLY B 49 25.12 -10.75 -23.27
C GLY B 49 25.58 -10.28 -21.91
N TYR B 50 24.89 -10.75 -20.88
CA TYR B 50 25.17 -10.38 -19.49
C TYR B 50 25.80 -11.46 -18.60
N ILE B 51 26.54 -11.00 -17.58
CA ILE B 51 27.23 -11.86 -16.58
C ILE B 51 27.22 -11.28 -15.14
N ASN B 52 26.69 -12.03 -14.17
CA ASN B 52 26.65 -11.56 -12.77
C ASN B 52 27.91 -12.09 -12.10
N PRO B 53 28.88 -11.20 -11.83
CA PRO B 53 30.15 -11.56 -11.18
C PRO B 53 30.11 -12.47 -9.94
N GLY B 54 29.07 -12.37 -9.12
CA GLY B 54 28.98 -13.20 -7.93
C GLY B 54 28.71 -14.68 -8.11
N ASN B 55 27.71 -15.00 -8.93
CA ASN B 55 27.32 -16.38 -9.23
C ASN B 55 27.97 -16.96 -10.49
N GLY B 56 28.62 -16.10 -11.27
CA GLY B 56 29.26 -16.54 -12.50
C GLY B 56 28.20 -16.88 -13.53
N TYR B 57 26.94 -16.72 -13.13
CA TYR B 57 25.78 -16.97 -13.99
C TYR B 57 25.83 -16.06 -15.20
N THR B 58 25.54 -16.59 -16.38
CA THR B 58 25.57 -15.75 -17.58
C THR B 58 24.29 -15.89 -18.41
N LYS B 59 24.08 -14.94 -19.30
CA LYS B 59 22.91 -14.96 -20.17
C LYS B 59 23.26 -14.41 -21.54
N TYR B 60 23.27 -15.27 -22.55
CA TYR B 60 23.62 -14.82 -23.89
C TYR B 60 22.44 -14.49 -24.77
N ASN B 61 22.74 -13.83 -25.86
CA ASN B 61 21.78 -13.43 -26.85
C ASN B 61 22.10 -14.44 -27.90
N GLU B 62 21.18 -15.37 -28.11
CA GLU B 62 21.33 -16.46 -29.07
C GLU B 62 22.23 -16.23 -30.29
N LYS B 63 22.23 -15.03 -30.87
CA LYS B 63 23.08 -14.78 -32.03
C LYS B 63 24.58 -14.73 -31.72
N PHE B 64 24.92 -14.57 -30.45
CA PHE B 64 26.33 -14.49 -30.04
C PHE B 64 26.88 -15.65 -29.27
N LYS B 65 25.98 -16.43 -28.70
CA LYS B 65 26.38 -17.58 -27.92
C LYS B 65 27.20 -18.54 -28.77
N GLY B 66 27.99 -19.38 -28.09
CA GLY B 66 28.80 -20.38 -28.74
C GLY B 66 30.14 -19.88 -29.24
N LYS B 67 30.15 -18.69 -29.86
CA LYS B 67 31.38 -18.08 -30.35
C LYS B 67 31.91 -17.27 -29.18
N THR B 68 30.96 -16.89 -28.32
CA THR B 68 31.24 -16.03 -27.19
C THR B 68 31.22 -16.70 -25.83
N THR B 69 32.08 -16.20 -24.96
CA THR B 69 32.21 -16.73 -23.61
C THR B 69 32.59 -15.63 -22.63
N LEU B 70 31.67 -15.36 -21.70
CA LEU B 70 31.83 -14.32 -20.70
C LEU B 70 32.25 -14.85 -19.30
N THR B 71 33.51 -14.57 -18.93
CA THR B 71 34.12 -14.96 -17.63
C THR B 71 34.68 -13.80 -16.81
N VAL B 72 34.68 -13.98 -15.49
CA VAL B 72 35.16 -12.97 -14.53
C VAL B 72 36.42 -13.39 -13.76
N ASP B 73 36.85 -12.50 -12.87
CA ASP B 73 37.99 -12.72 -11.98
C ASP B 73 37.69 -11.93 -10.70
N LYS B 74 36.72 -12.41 -9.92
CA LYS B 74 36.29 -11.72 -8.70
C LYS B 74 37.42 -11.23 -7.79
N SER B 75 38.62 -11.77 -8.00
CA SER B 75 39.81 -11.38 -7.23
C SER B 75 40.38 -10.00 -7.62
N SER B 76 40.59 -9.81 -8.92
CA SER B 76 41.10 -8.54 -9.46
C SER B 76 39.94 -7.69 -10.00
N SER B 77 38.71 -8.12 -9.67
CA SER B 77 37.48 -7.44 -10.11
C SER B 77 37.67 -6.98 -11.54
N THR B 78 37.56 -7.92 -12.48
CA THR B 78 37.82 -7.66 -13.89
C THR B 78 36.99 -8.63 -14.75
N ALA B 79 36.13 -8.14 -15.64
CA ALA B 79 35.33 -9.07 -16.47
C ALA B 79 36.00 -9.35 -17.85
N TYR B 80 35.76 -10.54 -18.42
CA TYR B 80 36.36 -10.87 -19.70
C TYR B 80 35.36 -11.36 -20.72
N MET B 81 35.74 -11.24 -21.99
CA MET B 81 34.92 -11.72 -23.08
C MET B 81 35.85 -12.36 -24.10
N GLN B 82 35.57 -13.61 -24.47
CA GLN B 82 36.39 -14.31 -25.44
C GLN B 82 35.56 -14.61 -26.68
N LEU B 83 35.96 -14.04 -27.80
CA LEU B 83 35.29 -14.25 -29.07
C LEU B 83 36.09 -15.28 -29.83
N ARG B 84 35.41 -16.31 -30.33
CA ARG B 84 36.07 -17.38 -31.09
C ARG B 84 35.66 -17.50 -32.56
N SER B 85 36.50 -18.21 -33.30
CA SER B 85 36.28 -18.46 -34.72
C SER B 85 35.84 -17.16 -35.33
N LEU B 86 36.72 -16.18 -35.23
CA LEU B 86 36.46 -14.85 -35.73
C LEU B 86 36.25 -14.78 -37.23
N THR B 87 35.72 -13.65 -37.66
CA THR B 87 35.47 -13.40 -39.06
C THR B 87 35.66 -11.90 -39.26
N SER B 88 35.44 -11.45 -40.49
CA SER B 88 35.54 -10.04 -40.81
C SER B 88 34.25 -9.40 -40.32
N GLU B 89 33.27 -10.24 -40.02
CA GLU B 89 31.96 -9.80 -39.53
C GLU B 89 32.02 -9.32 -38.08
N ASP B 90 33.03 -9.71 -37.32
CA ASP B 90 33.04 -9.19 -35.97
C ASP B 90 34.31 -8.40 -35.60
N SER B 91 34.56 -7.42 -36.47
CA SER B 91 35.61 -6.42 -36.40
C SER B 91 34.66 -5.30 -35.97
N ALA B 92 34.88 -4.75 -34.77
CA ALA B 92 34.03 -3.66 -34.27
C ALA B 92 34.63 -3.17 -32.97
N VAL B 93 33.86 -2.35 -32.26
CA VAL B 93 34.28 -1.83 -30.97
C VAL B 93 33.36 -2.45 -29.91
N TYR B 94 33.94 -3.13 -28.93
CA TYR B 94 33.14 -3.79 -27.90
C TYR B 94 33.17 -3.05 -26.56
N PHE B 95 31.97 -2.77 -26.06
CA PHE B 95 31.75 -2.06 -24.81
C PHE B 95 31.31 -2.98 -23.70
N CYS B 96 31.66 -2.63 -22.46
CA CYS B 96 31.20 -3.36 -21.27
C CYS B 96 30.59 -2.29 -20.41
N ALA B 97 29.51 -2.61 -19.73
CA ALA B 97 28.83 -1.63 -18.91
C ALA B 97 28.24 -2.23 -17.63
N ARG B 98 27.97 -1.37 -16.64
CA ARG B 98 27.39 -1.81 -15.36
C ARG B 98 25.86 -1.80 -15.45
N SER B 99 25.26 -2.82 -14.85
CA SER B 99 23.82 -2.97 -14.85
C SER B 99 23.29 -2.66 -13.47
N VAL B 100 22.23 -1.86 -13.41
CA VAL B 100 21.57 -1.50 -12.17
C VAL B 100 20.15 -2.00 -12.27
N TYR B 101 19.49 -2.17 -11.12
CA TYR B 101 18.12 -2.69 -11.16
C TYR B 101 17.04 -1.65 -11.38
N TYR B 102 16.76 -0.87 -10.35
CA TYR B 102 15.63 0.06 -10.33
C TYR B 102 14.34 -0.57 -10.88
N GLY B 103 13.32 -0.57 -10.04
CA GLY B 103 12.01 -1.12 -10.36
C GLY B 103 11.59 -1.71 -11.71
N GLY B 104 11.49 -3.05 -11.77
CA GLY B 104 11.03 -3.71 -12.97
C GLY B 104 12.01 -4.24 -14.00
N SER B 105 13.09 -3.50 -14.27
CA SER B 105 14.12 -3.93 -15.22
C SER B 105 15.42 -3.11 -15.20
N TYR B 106 16.51 -3.79 -15.59
CA TYR B 106 17.85 -3.23 -15.61
C TYR B 106 18.18 -2.27 -16.74
N TYR B 107 19.15 -1.41 -16.46
CA TYR B 107 19.64 -0.45 -17.44
C TYR B 107 21.15 -0.35 -17.21
N PHE B 108 21.87 0.11 -18.24
CA PHE B 108 23.30 0.26 -18.15
C PHE B 108 23.59 1.74 -17.83
N ASP B 109 24.21 1.97 -16.68
CA ASP B 109 24.49 3.32 -16.21
C ASP B 109 25.92 3.74 -16.35
N TYR B 110 26.83 2.79 -16.60
CA TYR B 110 28.26 3.10 -16.76
C TYR B 110 28.94 2.24 -17.83
N TRP B 111 29.54 2.88 -18.83
CA TRP B 111 30.22 2.12 -19.90
C TRP B 111 31.74 2.25 -19.85
N GLY B 112 32.40 1.63 -20.81
CA GLY B 112 33.84 1.74 -20.84
C GLY B 112 34.20 2.50 -22.09
N GLN B 113 35.50 2.73 -22.29
CA GLN B 113 35.97 3.40 -23.49
C GLN B 113 35.83 2.45 -24.65
N GLY B 114 35.53 1.19 -24.34
CA GLY B 114 35.40 0.19 -25.38
C GLY B 114 36.74 -0.24 -25.96
N THR B 115 36.75 -1.39 -26.60
CA THR B 115 37.97 -1.88 -27.21
C THR B 115 37.69 -2.14 -28.67
N THR B 116 38.57 -1.66 -29.53
CA THR B 116 38.38 -1.86 -30.96
C THR B 116 39.01 -3.18 -31.37
N LEU B 117 38.26 -3.95 -32.16
CA LEU B 117 38.72 -5.23 -32.68
C LEU B 117 38.73 -5.11 -34.19
N THR B 118 39.80 -5.61 -34.80
CA THR B 118 39.98 -5.60 -36.25
C THR B 118 40.44 -6.98 -36.66
N VAL B 119 39.70 -7.61 -37.58
CA VAL B 119 40.04 -8.95 -38.05
C VAL B 119 40.63 -8.97 -39.47
N SER B 120 41.95 -8.90 -39.56
CA SER B 120 42.64 -8.88 -40.85
C SER B 120 43.88 -9.78 -40.86
N SER B 121 44.32 -10.20 -42.06
CA SER B 121 45.49 -11.05 -42.17
C SER B 121 46.63 -10.27 -42.77
N ALA B 122 46.46 -8.96 -42.85
CA ALA B 122 47.50 -8.13 -43.41
C ALA B 122 48.56 -7.85 -42.32
N LYS B 123 49.74 -7.40 -42.77
CA LYS B 123 50.85 -7.06 -41.87
C LYS B 123 51.36 -5.67 -42.18
N THR B 124 51.96 -5.02 -41.17
CA THR B 124 52.46 -3.65 -41.33
C THR B 124 53.06 -3.51 -42.75
N THR B 125 52.63 -2.48 -43.46
CA THR B 125 53.06 -2.23 -44.84
C THR B 125 52.90 -0.72 -45.17
N PRO B 126 54.00 -0.04 -45.57
CA PRO B 126 53.98 1.39 -45.89
C PRO B 126 53.02 1.78 -46.99
N PRO B 127 52.54 3.03 -46.95
CA PRO B 127 51.61 3.55 -47.94
C PRO B 127 52.32 4.02 -49.20
N SER B 128 51.53 4.46 -50.17
CA SER B 128 52.07 5.01 -51.39
C SER B 128 51.39 6.34 -51.53
N VAL B 129 52.18 7.39 -51.32
CA VAL B 129 51.67 8.73 -51.38
C VAL B 129 51.65 9.23 -52.82
N TYR B 130 50.46 9.57 -53.32
CA TYR B 130 50.33 10.07 -54.69
C TYR B 130 49.80 11.50 -54.75
N PRO B 131 50.58 12.40 -55.36
CA PRO B 131 50.22 13.82 -55.51
C PRO B 131 49.04 14.10 -56.44
N LEU B 132 48.08 14.90 -55.97
CA LEU B 132 46.93 15.24 -56.81
C LEU B 132 47.04 16.67 -57.21
N ALA B 133 47.24 16.89 -58.50
CA ALA B 133 47.34 18.24 -59.03
C ALA B 133 46.35 18.39 -60.17
N PRO B 134 45.96 19.62 -60.47
CA PRO B 134 45.01 19.88 -61.56
C PRO B 134 45.54 19.41 -62.90
N GLY B 135 44.72 19.53 -63.92
CA GLY B 135 45.12 19.14 -65.27
C GLY B 135 45.75 20.21 -66.14
N SER B 136 46.56 19.78 -67.13
CA SER B 136 47.20 20.73 -68.06
C SER B 136 46.25 20.84 -69.21
N ASN B 141 39.13 29.67 -60.37
CA ASN B 141 40.38 30.34 -60.79
C ASN B 141 41.02 31.16 -59.64
N SER B 142 40.23 31.61 -58.68
CA SER B 142 40.78 32.36 -57.55
C SER B 142 41.37 31.43 -56.50
N MET B 143 40.66 30.35 -56.22
CA MET B 143 41.11 29.38 -55.24
C MET B 143 41.39 28.12 -56.01
N VAL B 144 42.33 27.32 -55.54
CA VAL B 144 42.67 26.09 -56.24
C VAL B 144 42.82 24.97 -55.26
N THR B 145 42.26 23.81 -55.61
CA THR B 145 42.34 22.65 -54.72
C THR B 145 43.29 21.58 -55.21
N LEU B 146 44.11 21.13 -54.27
CA LEU B 146 45.10 20.10 -54.52
C LEU B 146 44.72 18.91 -53.67
N GLY B 147 45.53 17.88 -53.75
CA GLY B 147 45.26 16.71 -52.96
C GLY B 147 46.44 15.80 -52.86
N CYS B 148 46.24 14.74 -52.09
CA CYS B 148 47.28 13.75 -51.86
C CYS B 148 46.55 12.42 -51.62
N LEU B 149 47.01 11.38 -52.30
CA LEU B 149 46.39 10.08 -52.19
C LEU B 149 47.25 9.10 -51.39
N VAL B 150 46.74 8.60 -50.27
CA VAL B 150 47.49 7.64 -49.47
C VAL B 150 46.76 6.31 -49.66
N LYS B 151 47.41 5.41 -50.37
CA LYS B 151 46.84 4.12 -50.71
C LYS B 151 47.75 2.93 -50.39
N GLY B 152 47.14 1.78 -50.13
CA GLY B 152 47.90 0.55 -49.89
C GLY B 152 48.61 0.36 -48.57
N TYR B 153 48.07 0.94 -47.51
CA TYR B 153 48.72 0.82 -46.24
C TYR B 153 47.97 -0.06 -45.24
N PHE B 154 48.71 -0.58 -44.26
CA PHE B 154 48.11 -1.39 -43.21
C PHE B 154 49.09 -1.53 -42.07
N PRO B 155 48.63 -1.34 -40.82
CA PRO B 155 47.26 -1.01 -40.42
C PRO B 155 47.08 0.48 -40.30
N GLU B 156 45.97 0.89 -39.70
CA GLU B 156 45.74 2.31 -39.45
C GLU B 156 46.73 2.60 -38.32
N PRO B 157 46.96 3.87 -37.99
CA PRO B 157 46.40 5.06 -38.61
C PRO B 157 47.47 5.74 -39.46
N VAL B 158 47.08 6.83 -40.12
CA VAL B 158 48.03 7.60 -40.91
C VAL B 158 47.80 9.07 -40.60
N THR B 159 48.88 9.81 -40.54
CA THR B 159 48.80 11.21 -40.23
C THR B 159 49.24 12.05 -41.42
N VAL B 160 48.31 12.87 -41.89
CA VAL B 160 48.56 13.74 -43.01
C VAL B 160 48.39 15.21 -42.62
N THR B 161 49.42 15.99 -42.95
CA THR B 161 49.43 17.42 -42.69
C THR B 161 49.96 18.01 -43.97
N TRP B 162 49.73 19.30 -44.15
CA TRP B 162 50.18 20.01 -45.35
C TRP B 162 51.22 21.07 -44.98
N ASN B 163 52.35 21.02 -45.68
CA ASN B 163 53.46 21.94 -45.41
C ASN B 163 53.85 21.87 -43.94
N SER B 164 53.91 20.64 -43.44
CA SER B 164 54.25 20.33 -42.04
C SER B 164 53.27 21.02 -41.11
N GLY B 165 52.03 21.15 -41.57
CA GLY B 165 50.99 21.73 -40.74
C GLY B 165 50.63 23.19 -40.94
N SER B 166 51.50 23.94 -41.63
CA SER B 166 51.27 25.39 -41.86
C SER B 166 49.97 25.70 -42.64
N LEU B 167 49.31 24.68 -43.20
CA LEU B 167 48.04 24.89 -43.89
C LEU B 167 47.00 24.11 -43.08
N SER B 168 46.34 24.79 -42.16
CA SER B 168 45.34 24.16 -41.29
C SER B 168 44.03 24.19 -42.02
N SER B 169 43.39 25.35 -41.97
CA SER B 169 42.10 25.55 -42.61
C SER B 169 42.12 25.05 -44.04
N GLY B 170 40.94 24.86 -44.60
CA GLY B 170 40.82 24.42 -45.97
C GLY B 170 41.31 23.02 -46.31
N VAL B 171 41.56 22.22 -45.29
CA VAL B 171 42.05 20.87 -45.50
C VAL B 171 40.93 19.91 -45.23
N HIS B 172 41.03 18.73 -45.81
CA HIS B 172 40.04 17.68 -45.63
C HIS B 172 40.72 16.31 -45.75
N THR B 173 40.71 15.54 -44.65
CA THR B 173 41.32 14.22 -44.61
C THR B 173 40.27 13.16 -44.36
N PHE B 174 39.82 12.57 -45.44
CA PHE B 174 38.76 11.58 -45.39
C PHE B 174 39.11 10.30 -44.68
N PRO B 175 38.12 9.67 -44.04
CA PRO B 175 38.33 8.41 -43.31
C PRO B 175 38.90 7.44 -44.30
N ALA B 176 39.51 6.37 -43.83
CA ALA B 176 40.09 5.38 -44.73
C ALA B 176 39.02 4.45 -45.22
N VAL B 177 39.35 3.69 -46.27
CA VAL B 177 38.42 2.71 -46.79
C VAL B 177 39.25 1.52 -47.16
N LEU B 178 38.61 0.36 -47.03
CA LEU B 178 39.25 -0.91 -47.28
C LEU B 178 39.30 -1.35 -48.74
N GLN B 179 40.50 -1.19 -49.33
CA GLN B 179 40.78 -1.58 -50.71
C GLN B 179 40.97 -3.09 -50.66
N SER B 180 41.81 -3.63 -51.53
CA SER B 180 41.99 -5.07 -51.56
C SER B 180 42.77 -5.52 -50.30
N ASP B 181 42.06 -5.64 -49.18
CA ASP B 181 42.65 -6.03 -47.91
C ASP B 181 43.79 -5.07 -47.47
N LEU B 182 43.67 -3.81 -47.86
CA LEU B 182 44.63 -2.75 -47.50
C LEU B 182 43.86 -1.42 -47.48
N TYR B 183 44.30 -0.48 -46.67
CA TYR B 183 43.63 0.83 -46.55
C TYR B 183 44.05 1.89 -47.54
N THR B 184 43.15 2.85 -47.78
CA THR B 184 43.39 3.94 -48.72
C THR B 184 42.64 5.18 -48.21
N LEU B 185 43.27 6.34 -48.30
CA LEU B 185 42.67 7.60 -47.87
C LEU B 185 43.18 8.74 -48.71
N SER B 186 42.40 9.82 -48.71
CA SER B 186 42.70 10.98 -49.49
C SER B 186 42.55 12.24 -48.64
N SER B 187 43.24 13.30 -49.04
CA SER B 187 43.17 14.56 -48.33
C SER B 187 43.25 15.71 -49.33
N SER B 188 42.51 16.78 -49.07
CA SER B 188 42.51 17.90 -49.97
C SER B 188 42.80 19.21 -49.27
N VAL B 189 43.70 20.00 -49.82
CA VAL B 189 43.95 21.30 -49.24
C VAL B 189 43.59 22.33 -50.31
N THR B 190 42.99 23.44 -49.88
CA THR B 190 42.58 24.50 -50.79
C THR B 190 43.37 25.74 -50.45
N VAL B 191 43.98 26.33 -51.46
CA VAL B 191 44.80 27.53 -51.30
C VAL B 191 44.56 28.55 -52.41
N PRO B 192 44.80 29.84 -52.14
CA PRO B 192 44.58 30.85 -53.19
C PRO B 192 45.46 30.46 -54.36
N SER B 193 45.11 30.91 -55.55
CA SER B 193 45.94 30.56 -56.69
C SER B 193 47.33 31.22 -56.62
N SER B 194 47.45 32.33 -55.90
CA SER B 194 48.73 33.01 -55.78
C SER B 194 49.79 32.10 -55.09
N PRO B 195 49.37 31.29 -54.09
CA PRO B 195 50.22 30.36 -53.34
C PRO B 195 50.81 29.20 -54.14
N ARG B 196 50.08 28.72 -55.12
CA ARG B 196 50.58 27.61 -55.91
C ARG B 196 50.40 27.84 -57.40
N PRO B 197 51.38 27.42 -58.21
CA PRO B 197 52.63 26.76 -57.79
C PRO B 197 53.73 27.77 -57.42
N SER B 198 53.32 29.02 -57.24
CA SER B 198 54.28 30.03 -56.87
C SER B 198 55.16 29.49 -55.74
N GLU B 199 54.51 28.96 -54.71
CA GLU B 199 55.21 28.44 -53.57
C GLU B 199 55.10 26.92 -53.47
N THR B 200 55.74 26.36 -52.46
CA THR B 200 55.69 24.93 -52.27
C THR B 200 54.51 24.58 -51.41
N VAL B 201 53.76 23.58 -51.86
CA VAL B 201 52.59 23.09 -51.13
C VAL B 201 52.83 21.56 -51.10
N THR B 202 53.12 21.04 -49.92
CA THR B 202 53.51 19.64 -49.72
C THR B 202 52.71 18.80 -48.70
N CYS B 203 52.52 17.50 -48.95
CA CYS B 203 51.81 16.68 -47.98
C CYS B 203 52.76 15.78 -47.21
N ASN B 204 52.51 15.71 -45.91
CA ASN B 204 53.31 14.91 -45.02
C ASN B 204 52.43 13.84 -44.44
N VAL B 205 52.62 12.63 -44.93
CA VAL B 205 51.85 11.51 -44.43
C VAL B 205 52.79 10.69 -43.57
N ALA B 206 52.31 10.33 -42.40
CA ALA B 206 53.09 9.51 -41.48
C ALA B 206 52.32 8.24 -41.19
N HIS B 207 52.99 7.10 -41.37
CA HIS B 207 52.37 5.79 -41.09
C HIS B 207 53.24 5.10 -40.04
N PRO B 208 52.98 5.37 -38.75
CA PRO B 208 53.70 4.81 -37.60
C PRO B 208 54.09 3.32 -37.63
N ALA B 209 53.09 2.43 -37.73
CA ALA B 209 53.35 0.99 -37.73
C ALA B 209 54.62 0.57 -38.46
N SER B 210 54.85 1.19 -39.63
CA SER B 210 56.02 0.89 -40.46
C SER B 210 57.10 1.96 -40.27
N SER B 211 56.87 2.84 -39.29
CA SER B 211 57.79 3.92 -38.99
C SER B 211 58.17 4.66 -40.25
N THR B 212 57.13 5.13 -40.95
CA THR B 212 57.28 5.85 -42.20
C THR B 212 56.90 7.31 -42.09
N LYS B 213 57.48 8.09 -43.00
CA LYS B 213 57.22 9.51 -43.08
C LYS B 213 57.69 9.89 -44.50
N VAL B 214 56.74 10.40 -45.27
CA VAL B 214 56.99 10.77 -46.65
C VAL B 214 56.46 12.15 -46.98
N ASP B 215 57.29 13.00 -47.57
CA ASP B 215 56.84 14.34 -47.96
C ASP B 215 56.63 14.31 -49.48
N LYS B 216 55.40 14.49 -49.93
CA LYS B 216 55.21 14.49 -51.37
C LYS B 216 54.77 15.88 -51.81
N LYS B 217 55.58 16.45 -52.71
CA LYS B 217 55.38 17.80 -53.23
C LYS B 217 54.45 17.81 -54.41
N ILE B 218 53.56 18.79 -54.44
CA ILE B 218 52.61 18.89 -55.51
C ILE B 218 53.10 19.81 -56.63
N VAL B 219 53.67 19.20 -57.66
CA VAL B 219 54.16 19.96 -58.80
C VAL B 219 53.14 20.03 -59.97
N PRO B 220 53.09 21.17 -60.69
CA PRO B 220 52.16 21.35 -61.83
C PRO B 220 52.32 20.27 -62.88
N ARG B 221 51.39 20.24 -63.83
CA ARG B 221 51.32 19.26 -64.94
C ARG B 221 50.58 17.97 -64.51
N ASP B 222 51.12 16.76 -64.75
CA ASP B 222 50.45 15.48 -64.37
C ASP B 222 51.30 14.57 -63.43
N ASP C 1 -25.11 -5.91 11.47
CA ASP C 1 -23.99 -5.12 12.02
C ASP C 1 -22.94 -6.09 12.55
N ILE C 2 -22.15 -5.69 13.55
CA ILE C 2 -21.12 -6.58 14.10
C ILE C 2 -21.54 -7.08 15.47
N GLN C 3 -21.84 -8.36 15.58
CA GLN C 3 -22.27 -8.92 16.84
C GLN C 3 -21.17 -9.30 17.83
N MET C 4 -21.10 -8.55 18.92
CA MET C 4 -20.16 -8.81 19.99
C MET C 4 -20.84 -9.87 20.79
N THR C 5 -20.15 -11.00 20.91
CA THR C 5 -20.71 -12.14 21.61
C THR C 5 -19.82 -12.49 22.80
N GLN C 6 -20.38 -12.42 24.01
CA GLN C 6 -19.64 -12.77 25.20
C GLN C 6 -20.15 -14.12 25.69
N THR C 7 -19.51 -15.19 25.25
CA THR C 7 -19.91 -16.52 25.68
C THR C 7 -19.60 -16.54 27.17
N THR C 8 -20.62 -16.82 27.99
CA THR C 8 -20.56 -16.85 29.47
C THR C 8 -21.24 -15.62 30.08
N SER C 9 -22.41 -15.83 30.69
CA SER C 9 -23.15 -14.75 31.33
C SER C 9 -22.63 -14.54 32.74
N SER C 10 -22.63 -15.62 33.51
CA SER C 10 -22.15 -15.59 34.88
C SER C 10 -20.76 -16.26 34.98
N LEU C 11 -19.82 -15.63 35.67
CA LEU C 11 -18.50 -16.19 35.82
C LEU C 11 -18.14 -16.31 37.31
N SER C 12 -17.86 -17.52 37.77
CA SER C 12 -17.55 -17.70 39.18
C SER C 12 -16.07 -17.50 39.39
N ALA C 13 -15.72 -17.10 40.61
CA ALA C 13 -14.34 -16.88 41.01
C ALA C 13 -14.23 -16.60 42.50
N SER C 14 -13.05 -16.84 43.07
CA SER C 14 -12.84 -16.56 44.49
C SER C 14 -11.91 -15.37 44.60
N LEU C 15 -12.19 -14.51 45.58
CA LEU C 15 -11.36 -13.32 45.73
C LEU C 15 -9.86 -13.65 45.65
N GLY C 16 -9.19 -13.04 44.68
CA GLY C 16 -7.77 -13.31 44.51
C GLY C 16 -7.62 -14.53 43.62
N ASP C 17 -7.99 -14.36 42.38
CA ASP C 17 -7.94 -15.43 41.41
C ASP C 17 -7.65 -14.57 40.19
N ARG C 18 -7.15 -15.19 39.14
CA ARG C 18 -6.86 -14.47 37.92
C ARG C 18 -8.16 -14.73 37.18
N VAL C 19 -8.84 -13.68 36.80
CA VAL C 19 -10.11 -13.83 36.12
C VAL C 19 -10.08 -13.37 34.67
N THR C 20 -10.64 -14.15 33.76
CA THR C 20 -10.64 -13.74 32.36
C THR C 20 -12.01 -13.76 31.68
N ILE C 21 -12.44 -12.58 31.26
CA ILE C 21 -13.71 -12.38 30.59
C ILE C 21 -13.51 -12.29 29.08
N SER C 22 -14.15 -13.23 28.37
CA SER C 22 -14.06 -13.36 26.91
C SER C 22 -15.01 -12.52 26.04
N CYS C 23 -14.52 -12.10 24.88
CA CYS C 23 -15.27 -11.28 23.92
C CYS C 23 -14.88 -11.66 22.49
N ARG C 24 -15.88 -11.80 21.61
CA ARG C 24 -15.64 -12.21 20.22
C ARG C 24 -16.56 -11.50 19.21
N ALA C 25 -15.97 -10.73 18.30
CA ALA C 25 -16.75 -10.00 17.27
C ALA C 25 -17.07 -10.90 16.08
N SER C 26 -18.15 -10.61 15.36
CA SER C 26 -18.51 -11.44 14.21
C SER C 26 -17.57 -11.17 13.05
N GLN C 27 -16.76 -10.12 13.17
CA GLN C 27 -15.80 -9.82 12.12
C GLN C 27 -14.58 -9.12 12.70
N ASP C 28 -13.66 -8.72 11.83
CA ASP C 28 -12.44 -8.03 12.21
C ASP C 28 -12.79 -6.60 12.55
N ILE C 29 -12.67 -6.26 13.84
CA ILE C 29 -12.96 -4.91 14.34
C ILE C 29 -11.68 -4.07 14.56
N SER C 30 -10.68 -4.35 13.72
CA SER C 30 -9.38 -3.68 13.71
C SER C 30 -8.86 -3.15 15.06
N ASN C 31 -8.93 -4.01 16.08
CA ASN C 31 -8.43 -3.68 17.40
C ASN C 31 -9.29 -2.68 18.17
N TYR C 32 -10.35 -2.19 17.57
CA TYR C 32 -11.18 -1.20 18.27
C TYR C 32 -12.14 -1.81 19.30
N LEU C 33 -11.59 -2.22 20.45
CA LEU C 33 -12.38 -2.82 21.53
C LEU C 33 -12.30 -2.04 22.85
N ASN C 34 -13.46 -1.81 23.44
CA ASN C 34 -13.55 -1.09 24.70
C ASN C 34 -14.19 -2.01 25.76
N TRP C 35 -13.90 -1.75 27.03
CA TRP C 35 -14.47 -2.53 28.13
C TRP C 35 -15.01 -1.59 29.20
N TYR C 36 -16.22 -1.89 29.63
CA TYR C 36 -16.90 -1.10 30.65
C TYR C 36 -17.18 -2.01 31.83
N GLN C 37 -17.37 -1.39 32.98
CA GLN C 37 -17.64 -2.13 34.19
C GLN C 37 -18.85 -1.49 34.88
N GLN C 38 -19.89 -2.27 35.06
CA GLN C 38 -21.09 -1.80 35.70
C GLN C 38 -21.22 -2.49 37.03
N LYS C 39 -21.19 -1.70 38.09
CA LYS C 39 -21.31 -2.25 39.44
C LYS C 39 -22.80 -2.35 39.72
N PRO C 40 -23.21 -3.22 40.66
CA PRO C 40 -24.62 -3.39 40.98
C PRO C 40 -25.47 -2.13 41.04
N ASP C 41 -25.00 -1.08 41.69
CA ASP C 41 -25.84 0.12 41.75
C ASP C 41 -26.15 0.78 40.39
N GLY C 42 -25.93 0.03 39.30
CA GLY C 42 -26.24 0.57 37.98
C GLY C 42 -25.22 1.49 37.32
N THR C 43 -24.28 2.01 38.12
CA THR C 43 -23.24 2.93 37.62
C THR C 43 -22.27 2.26 36.65
N VAL C 44 -21.92 2.97 35.57
CA VAL C 44 -20.98 2.44 34.56
C VAL C 44 -19.63 3.16 34.60
N LYS C 45 -18.58 2.45 34.19
CA LYS C 45 -17.21 2.99 34.25
C LYS C 45 -16.36 2.43 33.11
N LEU C 46 -15.35 3.19 32.69
CA LEU C 46 -14.49 2.74 31.63
C LEU C 46 -13.22 2.20 32.28
N LEU C 47 -12.73 1.06 31.80
CA LEU C 47 -11.53 0.46 32.37
C LEU C 47 -10.45 0.44 31.33
N ILE C 48 -10.79 -0.13 30.18
CA ILE C 48 -9.83 -0.27 29.11
C ILE C 48 -10.42 0.22 27.79
N TYR C 49 -9.52 0.56 26.87
CA TYR C 49 -9.95 1.00 25.56
C TYR C 49 -8.88 0.69 24.51
N TYR C 50 -9.32 0.58 23.27
CA TYR C 50 -8.45 0.27 22.15
C TYR C 50 -7.87 -1.12 22.25
N THR C 51 -8.55 -2.08 21.62
CA THR C 51 -8.10 -3.46 21.56
C THR C 51 -7.51 -3.84 22.86
N SER C 52 -7.97 -3.21 23.92
CA SER C 52 -7.44 -3.52 25.21
C SER C 52 -6.15 -2.74 25.38
N ARG C 53 -5.39 -3.15 26.38
CA ARG C 53 -4.13 -2.52 26.67
C ARG C 53 -4.31 -1.18 27.40
N LEU C 54 -4.92 -0.18 26.76
CA LEU C 54 -5.05 1.15 27.38
C LEU C 54 -5.92 1.31 28.66
N HIS C 55 -5.36 1.98 29.67
CA HIS C 55 -5.97 2.26 30.97
C HIS C 55 -6.51 3.69 31.14
N SER C 56 -7.50 3.92 32.02
CA SER C 56 -8.07 5.26 32.26
C SER C 56 -7.53 5.92 33.57
N GLY C 57 -7.29 5.08 34.59
CA GLY C 57 -6.81 5.49 35.93
C GLY C 57 -7.10 4.33 36.89
N VAL C 58 -7.64 3.27 36.28
CA VAL C 58 -8.03 2.04 36.94
C VAL C 58 -6.77 1.33 37.40
N PRO C 59 -6.90 0.36 38.32
CA PRO C 59 -5.81 -0.44 38.89
C PRO C 59 -4.95 -1.26 37.93
N SER C 60 -3.76 -1.60 38.43
CA SER C 60 -2.79 -2.36 37.67
C SER C 60 -3.14 -3.84 37.54
N ARG C 61 -4.19 -4.28 38.22
CA ARG C 61 -4.53 -5.69 38.12
C ARG C 61 -5.38 -5.88 36.87
N PHE C 62 -5.91 -4.76 36.39
CA PHE C 62 -6.74 -4.75 35.21
C PHE C 62 -5.85 -4.72 33.98
N SER C 63 -5.96 -5.76 33.18
CA SER C 63 -5.15 -5.85 31.98
C SER C 63 -6.06 -6.11 30.79
N GLY C 64 -5.54 -6.01 29.58
CA GLY C 64 -6.36 -6.29 28.40
C GLY C 64 -5.64 -6.58 27.09
N SER C 65 -6.14 -7.53 26.31
CA SER C 65 -5.53 -7.82 25.01
C SER C 65 -6.54 -8.43 24.03
N GLY C 66 -6.06 -8.71 22.82
CA GLY C 66 -6.90 -9.27 21.78
C GLY C 66 -6.43 -8.96 20.35
N SER C 67 -6.95 -9.73 19.39
CA SER C 67 -6.57 -9.54 18.00
C SER C 67 -7.66 -10.00 17.02
N GLY C 68 -7.78 -9.27 15.91
CA GLY C 68 -8.78 -9.61 14.90
C GLY C 68 -10.19 -9.78 15.43
N THR C 69 -10.50 -10.98 15.92
CA THR C 69 -11.84 -11.24 16.42
C THR C 69 -11.90 -11.51 17.91
N ASP C 70 -10.88 -12.19 18.44
CA ASP C 70 -10.88 -12.53 19.83
C ASP C 70 -10.10 -11.61 20.74
N TYR C 71 -10.79 -11.15 21.78
CA TYR C 71 -10.22 -10.23 22.76
C TYR C 71 -10.58 -10.73 24.14
N SER C 72 -10.01 -10.09 25.16
CA SER C 72 -10.27 -10.51 26.52
C SER C 72 -9.69 -9.52 27.51
N LEU C 73 -10.38 -9.40 28.63
CA LEU C 73 -9.96 -8.53 29.72
C LEU C 73 -9.54 -9.47 30.82
N THR C 74 -8.50 -9.12 31.55
CA THR C 74 -8.04 -9.99 32.61
C THR C 74 -7.74 -9.25 33.88
N ILE C 75 -8.26 -9.76 34.99
CA ILE C 75 -8.05 -9.18 36.32
C ILE C 75 -7.11 -10.14 37.04
N SER C 76 -5.83 -9.76 37.14
CA SER C 76 -4.80 -10.63 37.75
C SER C 76 -5.03 -11.12 39.17
N ASN C 77 -5.64 -10.28 39.97
CA ASN C 77 -5.89 -10.59 41.36
C ASN C 77 -7.28 -10.02 41.72
N LEU C 78 -8.32 -10.86 41.68
CA LEU C 78 -9.69 -10.36 41.92
C LEU C 78 -10.04 -9.81 43.29
N GLU C 79 -10.72 -8.68 43.29
CA GLU C 79 -11.09 -8.05 44.54
C GLU C 79 -12.58 -7.77 44.70
N GLN C 80 -13.03 -7.71 45.95
CA GLN C 80 -14.43 -7.49 46.21
C GLN C 80 -14.99 -6.42 45.28
N GLU C 81 -14.40 -5.24 45.29
CA GLU C 81 -14.91 -4.19 44.41
C GLU C 81 -15.00 -4.56 42.92
N ASP C 82 -14.43 -5.70 42.54
CA ASP C 82 -14.48 -6.12 41.14
C ASP C 82 -15.63 -7.05 40.83
N ILE C 83 -16.53 -7.21 41.80
CA ILE C 83 -17.72 -8.02 41.62
C ILE C 83 -18.67 -7.12 40.84
N ALA C 84 -18.69 -7.29 39.52
CA ALA C 84 -19.55 -6.46 38.68
C ALA C 84 -19.84 -7.15 37.35
N THR C 85 -20.57 -6.47 36.47
CA THR C 85 -20.85 -7.01 35.15
C THR C 85 -19.96 -6.28 34.16
N TYR C 86 -19.26 -7.03 33.31
CA TYR C 86 -18.33 -6.46 32.32
C TYR C 86 -18.80 -6.58 30.87
N PHE C 87 -18.85 -5.43 30.17
CA PHE C 87 -19.28 -5.36 28.76
C PHE C 87 -18.14 -4.92 27.81
N CYS C 88 -17.97 -5.66 26.71
CA CYS C 88 -16.98 -5.28 25.74
C CYS C 88 -17.75 -4.53 24.67
N GLN C 89 -17.06 -3.74 23.88
CA GLN C 89 -17.78 -2.98 22.92
C GLN C 89 -16.89 -2.62 21.76
N GLN C 90 -17.32 -3.01 20.54
CA GLN C 90 -16.56 -2.73 19.34
C GLN C 90 -16.93 -1.33 18.88
N GLY C 91 -15.93 -0.64 18.33
CA GLY C 91 -16.12 0.70 17.84
C GLY C 91 -15.44 0.83 16.50
N ASN C 92 -15.60 -0.21 15.67
CA ASN C 92 -15.04 -0.22 14.31
C ASN C 92 -16.13 0.15 13.33
N THR C 93 -17.30 -0.46 13.52
CA THR C 93 -18.45 -0.25 12.66
C THR C 93 -19.65 0.35 13.42
N LEU C 94 -20.41 1.20 12.74
CA LEU C 94 -21.64 1.74 13.32
C LEU C 94 -22.68 0.72 12.90
N PRO C 95 -23.62 0.40 13.78
CA PRO C 95 -23.73 0.98 15.12
C PRO C 95 -22.71 0.40 16.07
N ARG C 96 -22.51 1.10 17.18
CA ARG C 96 -21.60 0.66 18.21
C ARG C 96 -22.32 -0.51 18.86
N THR C 97 -21.68 -1.67 18.89
CA THR C 97 -22.27 -2.85 19.50
C THR C 97 -21.60 -3.26 20.79
N PHE C 98 -22.34 -3.98 21.61
CA PHE C 98 -21.88 -4.40 22.94
C PHE C 98 -21.94 -5.90 23.12
N GLY C 99 -21.22 -6.38 24.13
CA GLY C 99 -21.26 -7.79 24.43
C GLY C 99 -22.43 -8.02 25.37
N GLY C 100 -22.91 -9.25 25.43
CA GLY C 100 -24.04 -9.56 26.28
C GLY C 100 -23.80 -9.09 27.69
N GLY C 101 -22.54 -9.17 28.14
CA GLY C 101 -22.17 -8.80 29.48
C GLY C 101 -21.73 -10.06 30.21
N THR C 102 -20.85 -9.92 31.19
CA THR C 102 -20.40 -11.09 31.93
C THR C 102 -20.34 -10.75 33.41
N LYS C 103 -21.37 -11.16 34.14
CA LYS C 103 -21.42 -10.84 35.55
C LYS C 103 -20.63 -11.84 36.39
N LEU C 104 -19.80 -11.32 37.29
CA LEU C 104 -18.97 -12.16 38.15
C LEU C 104 -19.71 -12.65 39.40
N GLU C 105 -19.11 -13.62 40.10
CA GLU C 105 -19.70 -14.16 41.33
C GLU C 105 -18.73 -15.05 42.12
N ILE C 106 -18.94 -15.11 43.43
CA ILE C 106 -18.10 -15.88 44.34
C ILE C 106 -18.44 -17.39 44.45
N LYS C 107 -17.46 -18.25 44.18
CA LYS C 107 -17.60 -19.69 44.30
C LYS C 107 -17.90 -19.98 45.75
N ARG C 108 -19.00 -20.67 45.98
CA ARG C 108 -19.38 -21.06 47.34
C ARG C 108 -19.48 -22.58 47.24
N ALA C 109 -19.67 -23.26 48.35
CA ALA C 109 -19.84 -24.71 48.28
C ALA C 109 -21.32 -24.91 47.95
N ASP C 110 -21.66 -25.89 47.10
CA ASP C 110 -23.07 -26.13 46.78
C ASP C 110 -23.88 -26.19 48.08
N ALA C 111 -25.12 -25.73 48.04
CA ALA C 111 -25.89 -25.69 49.26
C ALA C 111 -27.25 -26.34 49.32
N ALA C 112 -28.00 -26.37 48.22
CA ALA C 112 -29.36 -26.97 48.27
C ALA C 112 -30.37 -25.98 48.91
N PRO C 113 -31.54 -25.81 48.28
CA PRO C 113 -32.56 -24.89 48.78
C PRO C 113 -33.39 -25.31 49.97
N THR C 114 -33.81 -24.30 50.70
CA THR C 114 -34.66 -24.48 51.85
C THR C 114 -36.04 -24.08 51.35
N VAL C 115 -36.87 -25.07 51.05
CA VAL C 115 -38.23 -24.87 50.47
C VAL C 115 -39.45 -24.76 51.43
N SER C 116 -40.20 -23.65 51.33
CA SER C 116 -41.40 -23.40 52.18
C SER C 116 -42.67 -22.99 51.44
N ILE C 117 -43.78 -23.72 51.66
CA ILE C 117 -45.05 -23.39 51.00
C ILE C 117 -46.02 -22.74 51.99
N PHE C 118 -46.78 -21.74 51.51
CA PHE C 118 -47.73 -21.03 52.35
C PHE C 118 -49.06 -20.88 51.63
N PRO C 119 -50.14 -21.24 52.31
CA PRO C 119 -51.48 -21.16 51.74
C PRO C 119 -51.94 -19.71 51.69
N PRO C 120 -53.02 -19.43 50.96
CA PRO C 120 -53.48 -18.04 50.93
C PRO C 120 -53.83 -17.59 52.34
N SER C 121 -53.63 -16.33 52.62
CA SER C 121 -53.95 -15.81 53.94
C SER C 121 -55.45 -15.55 53.95
N SER C 122 -56.10 -15.67 55.09
CA SER C 122 -57.53 -15.42 55.14
C SER C 122 -57.84 -13.98 54.78
N GLU C 123 -56.92 -13.06 55.11
CA GLU C 123 -57.17 -11.64 54.83
C GLU C 123 -57.35 -11.51 53.32
N GLN C 124 -56.54 -12.21 52.56
CA GLN C 124 -56.63 -12.13 51.10
C GLN C 124 -57.80 -12.95 50.51
N LEU C 125 -58.21 -14.02 51.18
CA LEU C 125 -59.30 -14.81 50.66
C LEU C 125 -60.60 -14.02 50.74
N THR C 126 -60.70 -13.18 51.77
CA THR C 126 -61.91 -12.38 51.93
C THR C 126 -61.89 -11.19 50.98
N SER C 127 -60.78 -11.05 50.25
CA SER C 127 -60.69 -10.02 49.21
C SER C 127 -61.07 -10.72 47.90
N GLY C 128 -61.22 -12.05 47.97
CA GLY C 128 -61.60 -12.82 46.79
C GLY C 128 -60.45 -13.40 46.00
N GLY C 129 -59.23 -13.06 46.38
CA GLY C 129 -58.08 -13.57 45.66
C GLY C 129 -57.38 -14.62 46.50
N ALA C 130 -56.55 -15.43 45.88
CA ALA C 130 -55.82 -16.45 46.61
C ALA C 130 -54.42 -16.53 46.02
N SER C 131 -53.41 -16.45 46.89
CA SER C 131 -52.04 -16.52 46.42
C SER C 131 -51.29 -17.53 47.23
N VAL C 132 -50.73 -18.51 46.54
CA VAL C 132 -49.96 -19.52 47.23
C VAL C 132 -48.53 -19.15 46.96
N VAL C 133 -47.74 -19.03 48.04
CA VAL C 133 -46.34 -18.64 47.90
C VAL C 133 -45.37 -19.78 48.19
N CYS C 134 -44.20 -19.74 47.55
CA CYS C 134 -43.20 -20.76 47.81
C CYS C 134 -41.78 -20.20 47.78
N PHE C 135 -41.11 -20.19 48.95
CA PHE C 135 -39.73 -19.70 49.04
C PHE C 135 -38.75 -20.85 48.89
N LEU C 136 -37.74 -20.64 48.06
CA LEU C 136 -36.65 -21.58 47.84
C LEU C 136 -35.48 -20.73 48.29
N ASN C 137 -35.01 -20.92 49.52
CA ASN C 137 -33.93 -20.09 50.06
C ASN C 137 -32.49 -20.58 50.21
N ASN C 138 -31.57 -19.64 50.00
CA ASN C 138 -30.11 -19.81 50.11
C ASN C 138 -29.49 -21.02 49.42
N PHE C 139 -29.78 -21.20 48.14
CA PHE C 139 -29.23 -22.33 47.41
C PHE C 139 -28.04 -21.89 46.59
N TYR C 140 -27.34 -22.84 45.96
CA TYR C 140 -26.20 -22.51 45.13
C TYR C 140 -25.65 -23.76 44.45
N PRO C 141 -25.25 -23.67 43.16
CA PRO C 141 -25.32 -22.50 42.27
C PRO C 141 -26.67 -21.84 42.13
N LYS C 142 -26.73 -20.83 41.27
CA LYS C 142 -27.95 -20.05 41.12
C LYS C 142 -29.04 -20.62 40.25
N ASP C 143 -28.64 -21.45 39.29
CA ASP C 143 -29.61 -22.04 38.36
C ASP C 143 -30.54 -22.96 39.15
N ILE C 144 -31.83 -22.68 39.09
CA ILE C 144 -32.81 -23.49 39.83
C ILE C 144 -34.12 -23.55 39.06
N ASN C 145 -34.92 -24.59 39.27
CA ASN C 145 -36.21 -24.63 38.59
C ASN C 145 -37.27 -24.90 39.63
N VAL C 146 -38.43 -24.29 39.43
CA VAL C 146 -39.57 -24.51 40.32
C VAL C 146 -40.74 -25.05 39.49
N LYS C 147 -41.54 -25.93 40.08
CA LYS C 147 -42.69 -26.50 39.36
C LYS C 147 -43.92 -26.61 40.23
N TRP C 148 -45.00 -25.91 39.86
CA TRP C 148 -46.25 -25.96 40.62
C TRP C 148 -47.21 -27.07 40.14
N LYS C 149 -47.87 -27.74 41.07
CA LYS C 149 -48.83 -28.79 40.72
C LYS C 149 -50.09 -28.61 41.55
N ILE C 150 -51.25 -28.55 40.88
CA ILE C 150 -52.55 -28.44 41.57
C ILE C 150 -53.19 -29.79 41.37
N ASP C 151 -53.45 -30.46 42.49
CA ASP C 151 -54.00 -31.82 42.50
C ASP C 151 -53.27 -32.65 41.43
N GLY C 152 -51.99 -32.87 41.71
CA GLY C 152 -51.11 -33.67 40.86
C GLY C 152 -50.77 -33.35 39.42
N SER C 153 -51.17 -32.20 38.91
CA SER C 153 -50.83 -31.90 37.53
C SER C 153 -50.28 -30.50 37.34
N GLU C 154 -49.43 -30.36 36.32
CA GLU C 154 -48.70 -29.14 35.92
C GLU C 154 -49.31 -27.86 36.42
N ARG C 155 -49.49 -26.88 35.56
CA ARG C 155 -50.04 -25.59 35.97
C ARG C 155 -48.94 -24.60 35.73
N GLN C 156 -49.16 -23.65 34.84
CA GLN C 156 -48.11 -22.71 34.58
C GLN C 156 -48.58 -21.28 34.67
N ASN C 157 -49.90 -21.09 34.59
CA ASN C 157 -50.48 -19.77 34.66
C ASN C 157 -50.57 -19.29 36.11
N GLY C 158 -50.47 -17.98 36.30
CA GLY C 158 -50.60 -17.41 37.63
C GLY C 158 -49.32 -17.57 38.40
N VAL C 159 -48.28 -18.10 37.77
CA VAL C 159 -47.01 -18.22 38.47
C VAL C 159 -46.08 -17.06 38.12
N LEU C 160 -45.54 -16.40 39.14
CA LEU C 160 -44.57 -15.29 38.94
C LEU C 160 -43.40 -15.48 39.89
N ASN C 161 -42.20 -15.55 39.31
CA ASN C 161 -40.98 -15.78 40.07
C ASN C 161 -40.04 -14.59 40.25
N SER C 162 -39.41 -14.48 41.41
CA SER C 162 -38.41 -13.43 41.66
C SER C 162 -37.11 -14.12 42.06
N TRP C 163 -36.01 -13.41 41.83
CA TRP C 163 -34.67 -13.89 42.13
C TRP C 163 -33.83 -12.85 42.86
N THR C 164 -33.17 -13.22 43.95
CA THR C 164 -32.33 -12.26 44.65
C THR C 164 -30.92 -12.42 44.09
N ASP C 165 -30.12 -11.36 44.12
CA ASP C 165 -28.74 -11.48 43.66
C ASP C 165 -28.00 -12.33 44.68
N GLN C 166 -26.70 -12.54 44.47
CA GLN C 166 -25.90 -13.31 45.41
C GLN C 166 -25.97 -12.59 46.75
N ASP C 167 -25.91 -13.32 47.85
CA ASP C 167 -25.96 -12.72 49.19
C ASP C 167 -24.57 -12.21 49.55
N SER C 168 -24.48 -11.12 50.34
CA SER C 168 -23.17 -10.53 50.74
C SER C 168 -22.40 -11.34 51.80
N LYS C 169 -23.13 -11.88 52.79
CA LYS C 169 -22.56 -12.68 53.88
C LYS C 169 -22.22 -14.08 53.38
N ASP C 170 -23.23 -14.92 53.09
CA ASP C 170 -22.93 -16.23 52.49
C ASP C 170 -22.98 -15.91 51.01
N SER C 171 -22.62 -16.84 50.13
CA SER C 171 -22.68 -16.45 48.72
C SER C 171 -23.74 -17.25 47.97
N THR C 172 -24.91 -17.35 48.58
CA THR C 172 -26.03 -18.11 48.04
C THR C 172 -27.08 -17.27 47.35
N TYR C 173 -27.99 -17.93 46.66
CA TYR C 173 -29.08 -17.21 46.01
C TYR C 173 -30.37 -17.74 46.56
N SER C 174 -31.44 -16.95 46.42
CA SER C 174 -32.75 -17.34 46.90
C SER C 174 -33.81 -17.00 45.89
N MET C 175 -34.85 -17.82 45.83
CA MET C 175 -35.95 -17.59 44.89
C MET C 175 -37.33 -17.59 45.55
N SER C 176 -38.22 -16.77 45.03
CA SER C 176 -39.58 -16.67 45.54
C SER C 176 -40.53 -16.92 44.35
N SER C 177 -41.54 -17.75 44.53
CA SER C 177 -42.49 -18.05 43.44
C SER C 177 -43.90 -17.89 43.96
N THR C 178 -44.83 -17.45 43.11
CA THR C 178 -46.19 -17.21 43.60
C THR C 178 -47.35 -17.48 42.63
N LEU C 179 -48.13 -18.52 42.92
CA LEU C 179 -49.28 -18.89 42.10
C LEU C 179 -50.53 -18.22 42.66
N THR C 180 -51.11 -17.32 41.87
CA THR C 180 -52.28 -16.59 42.31
C THR C 180 -53.51 -17.02 41.58
N LEU C 181 -54.57 -17.22 42.34
CA LEU C 181 -55.83 -17.68 41.81
C LEU C 181 -56.93 -16.79 42.36
N THR C 182 -58.17 -17.18 42.08
CA THR C 182 -59.33 -16.47 42.61
C THR C 182 -59.77 -17.39 43.73
N LYS C 183 -60.52 -16.87 44.68
CA LYS C 183 -60.93 -17.70 45.82
C LYS C 183 -61.65 -18.98 45.39
N ASP C 184 -62.60 -18.83 44.47
CA ASP C 184 -63.40 -19.96 44.00
C ASP C 184 -62.56 -21.01 43.30
N GLU C 185 -61.60 -20.58 42.49
CA GLU C 185 -60.75 -21.53 41.78
C GLU C 185 -59.90 -22.24 42.82
N TYR C 186 -59.31 -21.46 43.71
CA TYR C 186 -58.47 -22.01 44.76
C TYR C 186 -59.23 -23.10 45.48
N GLU C 187 -60.44 -22.80 45.93
CA GLU C 187 -61.24 -23.77 46.68
C GLU C 187 -61.85 -24.92 45.87
N ARG C 188 -61.67 -24.90 44.55
CA ARG C 188 -62.15 -25.99 43.69
C ARG C 188 -61.12 -27.11 43.67
N HIS C 189 -59.97 -26.90 44.32
CA HIS C 189 -58.95 -27.92 44.31
C HIS C 189 -58.38 -28.06 45.68
N ASN C 190 -57.87 -29.26 45.96
CA ASN C 190 -57.36 -29.53 47.28
C ASN C 190 -55.86 -29.44 47.57
N SER C 191 -55.06 -30.27 46.91
CA SER C 191 -53.65 -30.21 47.25
C SER C 191 -52.87 -29.28 46.35
N TYR C 192 -52.00 -28.49 46.95
CA TYR C 192 -51.16 -27.58 46.19
C TYR C 192 -49.71 -27.93 46.43
N THR C 193 -48.96 -28.12 45.36
CA THR C 193 -47.57 -28.50 45.52
C THR C 193 -46.57 -27.55 44.90
N CYS C 194 -45.40 -27.50 45.52
CA CYS C 194 -44.30 -26.65 45.08
C CYS C 194 -43.12 -27.58 44.90
N GLU C 195 -42.62 -27.69 43.67
CA GLU C 195 -41.53 -28.61 43.41
C GLU C 195 -40.23 -27.93 42.95
N ALA C 196 -39.28 -27.88 43.89
CA ALA C 196 -37.97 -27.30 43.65
C ALA C 196 -37.06 -28.35 43.02
N THR C 197 -36.30 -27.96 42.00
CA THR C 197 -35.38 -28.87 41.34
C THR C 197 -34.02 -28.21 41.20
N HIS C 198 -33.01 -28.84 41.81
CA HIS C 198 -31.65 -28.29 41.82
C HIS C 198 -30.57 -29.38 41.62
N LYS C 199 -29.45 -29.01 41.01
CA LYS C 199 -28.35 -29.95 40.77
C LYS C 199 -27.94 -30.57 42.10
N THR C 200 -28.31 -29.90 43.19
CA THR C 200 -27.97 -30.36 44.54
C THR C 200 -28.46 -31.78 44.82
N SER C 201 -29.32 -32.30 43.94
CA SER C 201 -29.85 -33.66 44.04
C SER C 201 -30.70 -34.09 42.84
N THR C 202 -30.63 -35.38 42.55
CA THR C 202 -31.35 -35.97 41.44
C THR C 202 -32.87 -35.83 41.60
N SER C 203 -33.38 -36.00 42.80
CA SER C 203 -34.83 -35.91 43.02
C SER C 203 -35.22 -34.51 43.42
N PRO C 204 -36.43 -34.09 43.06
CA PRO C 204 -36.76 -32.74 43.48
C PRO C 204 -37.05 -32.67 44.97
N ILE C 205 -37.27 -31.46 45.43
CA ILE C 205 -37.61 -31.22 46.83
C ILE C 205 -39.08 -30.83 46.77
N VAL C 206 -39.92 -31.54 47.51
CA VAL C 206 -41.35 -31.29 47.47
C VAL C 206 -41.98 -30.81 48.77
N LYS C 207 -42.75 -29.74 48.66
CA LYS C 207 -43.45 -29.20 49.80
C LYS C 207 -44.85 -28.93 49.30
N SER C 208 -45.82 -29.15 50.16
CA SER C 208 -47.19 -28.94 49.76
C SER C 208 -48.11 -28.97 50.96
N PHE C 209 -49.32 -28.49 50.76
CA PHE C 209 -50.31 -28.47 51.83
C PHE C 209 -51.70 -28.73 51.25
N ASN C 210 -52.55 -29.37 52.05
CA ASN C 210 -53.88 -29.68 51.59
C ASN C 210 -54.93 -28.76 52.19
N ARG C 211 -55.82 -28.26 51.34
CA ARG C 211 -56.92 -27.42 51.79
C ARG C 211 -57.86 -28.22 52.67
N ASN C 212 -57.94 -29.53 52.42
CA ASN C 212 -58.79 -30.43 53.19
C ASN C 212 -58.20 -30.78 54.55
N GLU C 213 -56.90 -30.53 54.72
CA GLU C 213 -56.21 -30.81 55.99
C GLU C 213 -55.91 -29.51 56.70
N CYS C 214 -56.19 -28.40 56.05
CA CYS C 214 -55.88 -27.11 56.69
C CYS C 214 -56.96 -26.90 57.73
N GLU D 1 -12.56 17.53 37.02
CA GLU D 1 -13.35 16.27 37.16
C GLU D 1 -14.60 16.28 36.32
N VAL D 2 -14.49 15.71 35.13
CA VAL D 2 -15.62 15.64 34.22
C VAL D 2 -16.80 15.01 34.94
N GLN D 3 -18.01 15.33 34.50
CA GLN D 3 -19.20 14.78 35.15
C GLN D 3 -20.44 15.04 34.30
N LEU D 4 -21.30 14.02 34.19
CA LEU D 4 -22.52 14.10 33.41
C LEU D 4 -23.71 13.73 34.30
N GLN D 5 -24.41 14.74 34.84
CA GLN D 5 -25.55 14.50 35.72
C GLN D 5 -26.89 14.40 34.96
N GLN D 6 -27.50 13.23 35.00
CA GLN D 6 -28.77 12.94 34.33
C GLN D 6 -30.00 13.28 35.19
N SER D 7 -31.14 13.36 34.50
CA SER D 7 -32.44 13.68 35.09
C SER D 7 -32.92 12.63 36.07
N GLY D 8 -34.01 12.97 36.76
CA GLY D 8 -34.62 12.07 37.71
C GLY D 8 -35.47 11.11 36.93
N ALA D 9 -35.85 10.00 37.58
CA ALA D 9 -36.67 8.97 36.96
C ALA D 9 -37.98 9.53 36.39
N GLU D 10 -38.53 8.85 35.39
CA GLU D 10 -39.77 9.27 34.75
C GLU D 10 -40.81 8.16 34.57
N LEU D 11 -42.06 8.49 34.89
CA LEU D 11 -43.20 7.59 34.76
C LEU D 11 -44.16 8.21 33.73
N VAL D 12 -44.22 7.60 32.54
CA VAL D 12 -45.05 8.09 31.44
C VAL D 12 -45.85 7.03 30.67
N ARG D 13 -47.13 7.36 30.46
CA ARG D 13 -48.17 6.57 29.77
C ARG D 13 -47.68 6.20 28.37
N ALA D 14 -48.00 4.99 27.88
CA ALA D 14 -47.57 4.56 26.54
C ALA D 14 -48.06 5.52 25.45
N GLY D 15 -47.35 5.54 24.33
CA GLY D 15 -47.71 6.41 23.23
C GLY D 15 -47.38 7.88 23.43
N SER D 16 -47.26 8.27 24.70
CA SER D 16 -46.90 9.63 25.07
C SER D 16 -45.44 9.84 24.68
N SER D 17 -44.69 10.51 25.55
CA SER D 17 -43.29 10.80 25.27
C SER D 17 -42.58 11.47 26.43
N VAL D 18 -41.25 11.38 26.46
CA VAL D 18 -40.50 12.01 27.53
C VAL D 18 -39.16 12.57 27.05
N LYS D 19 -38.70 13.64 27.70
CA LYS D 19 -37.41 14.21 27.34
C LYS D 19 -36.56 14.09 28.59
N MET D 20 -35.39 13.52 28.46
CA MET D 20 -34.53 13.40 29.61
C MET D 20 -33.17 14.04 29.29
N SER D 21 -32.67 14.80 30.27
CA SER D 21 -31.41 15.56 30.18
C SER D 21 -30.17 14.84 30.67
N CYS D 22 -29.03 15.44 30.34
CA CYS D 22 -27.71 14.93 30.68
C CYS D 22 -26.78 16.15 30.70
N LYS D 23 -26.69 16.83 31.83
CA LYS D 23 -25.84 18.02 31.97
C LYS D 23 -24.39 17.66 32.28
N ALA D 24 -23.48 18.21 31.48
CA ALA D 24 -22.02 17.97 31.62
C ALA D 24 -21.28 19.06 32.37
N SER D 25 -20.04 18.79 32.72
CA SER D 25 -19.29 19.80 33.43
C SER D 25 -17.82 19.38 33.52
N GLY D 26 -16.96 20.37 33.77
CA GLY D 26 -15.54 20.09 33.91
C GLY D 26 -14.80 19.83 32.62
N TYR D 27 -15.31 20.36 31.52
CA TYR D 27 -14.72 20.19 30.20
C TYR D 27 -15.55 20.92 29.14
N THR D 28 -14.88 21.63 28.23
CA THR D 28 -15.57 22.37 27.18
C THR D 28 -16.58 21.47 26.47
N PHE D 29 -17.86 21.69 26.76
CA PHE D 29 -18.96 20.90 26.22
C PHE D 29 -18.94 20.62 24.71
N THR D 30 -18.60 21.59 23.88
CA THR D 30 -18.65 21.37 22.42
C THR D 30 -17.50 20.58 21.86
N SER D 31 -16.54 20.29 22.73
CA SER D 31 -15.34 19.55 22.38
C SER D 31 -15.55 18.05 22.18
N TYR D 32 -16.49 17.44 22.92
CA TYR D 32 -16.71 16.00 22.81
C TYR D 32 -18.11 15.57 22.47
N GLY D 33 -18.21 14.46 21.74
CA GLY D 33 -19.51 13.93 21.36
C GLY D 33 -20.24 13.21 22.50
N ILE D 34 -21.57 13.34 22.51
CA ILE D 34 -22.39 12.71 23.53
C ILE D 34 -23.18 11.56 22.91
N ASN D 35 -23.08 10.38 23.53
CA ASN D 35 -23.82 9.20 23.07
C ASN D 35 -24.86 8.81 24.10
N TRP D 36 -25.75 7.92 23.71
CA TRP D 36 -26.77 7.49 24.65
C TRP D 36 -26.87 5.98 24.56
N VAL D 37 -27.00 5.34 25.72
CA VAL D 37 -27.08 3.89 25.78
C VAL D 37 -28.31 3.40 26.55
N LYS D 38 -29.03 2.44 25.98
CA LYS D 38 -30.23 1.93 26.63
C LYS D 38 -29.99 0.52 27.21
N GLN D 39 -30.64 0.24 28.33
CA GLN D 39 -30.51 -1.04 29.01
C GLN D 39 -31.81 -1.45 29.64
N ARG D 40 -32.21 -2.67 29.35
CA ARG D 40 -33.42 -3.25 29.89
C ARG D 40 -32.96 -4.36 30.84
N PRO D 41 -33.71 -4.57 31.94
CA PRO D 41 -33.40 -5.60 32.95
C PRO D 41 -32.73 -6.78 32.27
N GLY D 42 -33.25 -7.14 31.10
CA GLY D 42 -32.67 -8.20 30.29
C GLY D 42 -31.40 -7.62 29.73
N GLN D 43 -30.41 -7.46 30.62
CA GLN D 43 -29.08 -6.90 30.35
C GLN D 43 -28.63 -6.60 28.91
N GLY D 44 -27.38 -6.17 28.81
CA GLY D 44 -26.83 -5.82 27.52
C GLY D 44 -27.15 -4.38 27.29
N LEU D 45 -26.19 -3.65 26.74
CA LEU D 45 -26.40 -2.25 26.49
C LEU D 45 -26.59 -2.07 25.00
N GLU D 46 -27.63 -1.36 24.62
CA GLU D 46 -27.86 -1.07 23.22
C GLU D 46 -27.42 0.37 23.07
N TRP D 47 -26.86 0.70 21.91
CA TRP D 47 -26.40 2.06 21.68
C TRP D 47 -27.52 2.83 21.01
N ILE D 48 -28.02 3.89 21.64
CA ILE D 48 -29.08 4.68 21.00
C ILE D 48 -28.48 5.46 19.84
N GLY D 49 -27.80 6.56 20.14
CA GLY D 49 -27.24 7.34 19.06
C GLY D 49 -26.16 8.30 19.54
N TYR D 50 -25.62 9.06 18.60
CA TYR D 50 -24.54 9.99 18.90
C TYR D 50 -24.89 11.42 18.45
N ILE D 51 -24.25 12.41 19.08
CA ILE D 51 -24.45 13.80 18.71
C ILE D 51 -23.25 14.68 19.07
N ASN D 52 -22.74 15.44 18.09
CA ASN D 52 -21.63 16.34 18.33
C ASN D 52 -22.17 17.70 18.81
N PRO D 53 -22.04 18.00 20.11
CA PRO D 53 -22.52 19.27 20.67
C PRO D 53 -21.98 20.48 19.93
N GLY D 54 -20.98 20.26 19.10
CA GLY D 54 -20.44 21.38 18.36
C GLY D 54 -21.29 21.77 17.18
N ASN D 55 -21.71 20.76 16.41
CA ASN D 55 -22.47 20.94 15.16
C ASN D 55 -23.90 20.43 15.03
N GLY D 56 -24.42 19.79 16.08
CA GLY D 56 -25.77 19.25 16.06
C GLY D 56 -25.83 17.97 15.25
N TYR D 57 -24.68 17.58 14.69
CA TYR D 57 -24.62 16.37 13.88
C TYR D 57 -25.03 15.13 14.66
N THR D 58 -26.15 14.52 14.26
CA THR D 58 -26.64 13.31 14.93
C THR D 58 -26.41 12.09 14.09
N LYS D 59 -26.33 10.94 14.74
CA LYS D 59 -26.18 9.66 14.06
C LYS D 59 -26.94 8.68 14.94
N TYR D 60 -28.00 8.07 14.40
CA TYR D 60 -28.80 7.13 15.17
C TYR D 60 -28.59 5.71 14.76
N ASN D 61 -29.12 4.83 15.58
CA ASN D 61 -29.04 3.43 15.31
C ASN D 61 -30.38 3.18 14.64
N GLU D 62 -30.36 2.51 13.51
CA GLU D 62 -31.59 2.26 12.75
C GLU D 62 -32.85 1.88 13.55
N LYS D 63 -32.73 1.03 14.57
CA LYS D 63 -33.93 0.69 15.32
C LYS D 63 -34.46 1.84 16.19
N PHE D 64 -33.57 2.69 16.70
CA PHE D 64 -34.02 3.80 17.55
C PHE D 64 -34.31 5.08 16.78
N LYS D 65 -34.09 5.06 15.47
CA LYS D 65 -34.40 6.23 14.65
C LYS D 65 -35.90 6.25 14.58
N GLY D 66 -36.47 7.41 14.31
CA GLY D 66 -37.91 7.47 14.20
C GLY D 66 -38.68 7.78 15.48
N LYS D 67 -38.32 7.12 16.58
CA LYS D 67 -38.99 7.37 17.86
C LYS D 67 -38.08 8.19 18.74
N THR D 68 -36.84 8.41 18.28
CA THR D 68 -35.83 9.11 19.10
C THR D 68 -35.22 10.39 18.47
N THR D 69 -34.84 11.35 19.33
CA THR D 69 -34.29 12.62 18.86
C THR D 69 -33.29 13.27 19.83
N LEU D 70 -32.02 13.20 19.48
CA LEU D 70 -31.03 13.80 20.33
C LEU D 70 -30.94 15.29 19.99
N THR D 71 -30.95 16.11 21.03
CA THR D 71 -30.88 17.56 20.88
C THR D 71 -29.89 18.10 21.95
N VAL D 72 -29.44 19.34 21.76
CA VAL D 72 -28.50 19.93 22.72
C VAL D 72 -28.68 21.44 22.89
N ASP D 73 -28.43 21.90 24.11
CA ASP D 73 -28.50 23.32 24.41
C ASP D 73 -27.06 23.73 24.76
N LYS D 74 -26.38 24.32 23.78
CA LYS D 74 -25.00 24.76 23.95
C LYS D 74 -24.89 25.84 25.01
N SER D 75 -25.97 26.15 25.70
CA SER D 75 -25.88 27.20 26.69
C SER D 75 -25.58 26.71 28.11
N SER D 76 -26.32 25.70 28.57
CA SER D 76 -26.12 25.14 29.91
C SER D 76 -25.40 23.79 29.80
N SER D 77 -24.77 23.59 28.65
CA SER D 77 -24.01 22.38 28.33
C SER D 77 -24.86 21.15 28.72
N THR D 78 -26.01 21.01 28.08
CA THR D 78 -26.92 19.92 28.37
C THR D 78 -27.31 19.23 27.06
N ALA D 79 -27.33 17.90 27.07
CA ALA D 79 -27.73 17.14 25.89
C ALA D 79 -29.11 16.65 26.25
N TYR D 80 -29.89 16.32 25.24
CA TYR D 80 -31.24 15.89 25.50
C TYR D 80 -31.56 14.72 24.63
N MET D 81 -32.53 13.95 25.08
CA MET D 81 -33.01 12.81 24.34
C MET D 81 -34.49 12.77 24.60
N GLN D 82 -35.25 12.81 23.52
CA GLN D 82 -36.69 12.78 23.56
C GLN D 82 -37.19 11.49 22.92
N LEU D 83 -37.99 10.73 23.67
CA LEU D 83 -38.54 9.48 23.17
C LEU D 83 -40.04 9.65 22.90
N ARG D 84 -40.44 9.44 21.64
CA ARG D 84 -41.85 9.59 21.25
C ARG D 84 -42.56 8.24 21.12
N SER D 85 -43.89 8.26 21.19
CA SER D 85 -44.70 7.06 21.06
C SER D 85 -44.11 5.89 21.85
N LEU D 86 -44.08 6.09 23.16
CA LEU D 86 -43.53 5.11 24.09
C LEU D 86 -44.36 3.84 24.18
N THR D 87 -43.67 2.73 24.40
CA THR D 87 -44.30 1.43 24.55
C THR D 87 -43.60 0.81 25.75
N SER D 88 -43.93 -0.44 26.07
CA SER D 88 -43.29 -1.12 27.20
C SER D 88 -41.83 -1.50 26.94
N GLU D 89 -41.49 -1.81 25.69
CA GLU D 89 -40.11 -2.15 25.36
C GLU D 89 -39.19 -0.94 25.59
N ASP D 90 -39.78 0.23 25.82
CA ASP D 90 -39.00 1.44 26.05
C ASP D 90 -38.75 1.72 27.52
N SER D 91 -39.31 0.86 28.38
CA SER D 91 -39.08 1.00 29.81
C SER D 91 -37.66 0.50 30.02
N ALA D 92 -36.81 1.35 30.58
CA ALA D 92 -35.43 0.97 30.80
C ALA D 92 -34.67 2.07 31.51
N VAL D 93 -33.35 1.87 31.62
CA VAL D 93 -32.53 2.88 32.26
C VAL D 93 -31.65 3.40 31.11
N TYR D 94 -31.68 4.72 30.94
CA TYR D 94 -30.93 5.33 29.85
C TYR D 94 -29.66 6.06 30.32
N PHE D 95 -28.55 5.75 29.67
CA PHE D 95 -27.29 6.39 29.99
C PHE D 95 -26.97 7.46 28.98
N CYS D 96 -25.93 8.23 29.28
CA CYS D 96 -25.40 9.20 28.35
C CYS D 96 -23.96 9.20 28.79
N ALA D 97 -23.08 9.11 27.82
CA ALA D 97 -21.66 9.06 28.10
C ALA D 97 -20.88 9.90 27.10
N ARG D 98 -19.72 10.38 27.52
CA ARG D 98 -18.88 11.19 26.63
C ARG D 98 -18.12 10.26 25.71
N SER D 99 -17.68 10.82 24.58
CA SER D 99 -16.95 10.08 23.58
C SER D 99 -15.59 10.77 23.41
N VAL D 100 -14.50 10.01 23.35
CA VAL D 100 -13.15 10.57 23.14
C VAL D 100 -12.52 9.89 21.95
N TYR D 101 -11.64 10.61 21.25
CA TYR D 101 -11.06 10.04 20.04
C TYR D 101 -10.04 8.89 20.07
N TYR D 102 -8.80 9.17 20.47
CA TYR D 102 -7.72 8.20 20.46
C TYR D 102 -7.56 7.19 19.31
N GLY D 103 -6.50 7.42 18.54
CA GLY D 103 -6.10 6.60 17.41
C GLY D 103 -7.01 5.68 16.62
N GLY D 104 -7.78 6.24 15.69
CA GLY D 104 -8.63 5.40 14.88
C GLY D 104 -10.09 5.64 15.16
N SER D 105 -10.56 5.12 16.28
CA SER D 105 -11.97 5.22 16.67
C SER D 105 -12.20 5.72 18.10
N TYR D 106 -13.45 6.11 18.39
CA TYR D 106 -13.89 6.62 19.68
C TYR D 106 -14.24 5.55 20.73
N TYR D 107 -14.40 6.02 21.96
CA TYR D 107 -14.75 5.19 23.10
C TYR D 107 -15.32 6.08 24.21
N PHE D 108 -16.12 5.49 25.09
CA PHE D 108 -16.76 6.22 26.14
C PHE D 108 -15.96 6.24 27.42
N ASP D 109 -15.48 7.42 27.79
CA ASP D 109 -14.69 7.49 28.99
C ASP D 109 -15.48 7.86 30.23
N TYR D 110 -16.57 8.61 30.07
CA TYR D 110 -17.35 9.03 31.23
C TYR D 110 -18.86 8.87 31.14
N TRP D 111 -19.46 8.13 32.06
CA TRP D 111 -20.91 7.94 32.01
C TRP D 111 -21.78 8.71 33.01
N GLY D 112 -23.05 8.84 32.69
CA GLY D 112 -23.94 9.52 33.61
C GLY D 112 -24.33 8.44 34.61
N GLN D 113 -25.26 8.74 35.51
CA GLN D 113 -25.70 7.72 36.48
C GLN D 113 -26.84 6.95 35.85
N GLY D 114 -27.37 7.50 34.78
CA GLY D 114 -28.49 6.86 34.10
C GLY D 114 -29.79 7.44 34.60
N THR D 115 -30.84 7.25 33.82
CA THR D 115 -32.14 7.77 34.19
C THR D 115 -33.11 6.60 34.04
N THR D 116 -33.92 6.33 35.06
CA THR D 116 -34.86 5.22 34.93
C THR D 116 -36.22 5.66 34.39
N LEU D 117 -36.63 5.01 33.31
CA LEU D 117 -37.92 5.31 32.72
C LEU D 117 -38.82 4.10 32.93
N THR D 118 -39.99 4.35 33.47
CA THR D 118 -40.95 3.28 33.70
C THR D 118 -42.15 3.63 32.87
N VAL D 119 -42.56 2.71 32.00
CA VAL D 119 -43.70 3.01 31.14
C VAL D 119 -44.94 2.31 31.66
N SER D 120 -45.80 3.11 32.28
CA SER D 120 -47.02 2.62 32.88
C SER D 120 -48.09 3.70 32.93
N SER D 121 -49.34 3.26 32.91
CA SER D 121 -50.50 4.14 32.98
C SER D 121 -51.22 3.87 34.31
N ALA D 122 -50.47 3.45 35.32
CA ALA D 122 -51.09 3.15 36.60
C ALA D 122 -50.91 4.38 37.45
N LYS D 123 -51.57 4.45 38.61
CA LYS D 123 -51.37 5.59 39.51
C LYS D 123 -50.95 5.09 40.91
N THR D 124 -50.44 5.97 41.77
CA THR D 124 -50.02 5.53 43.10
C THR D 124 -51.16 4.83 43.86
N THR D 125 -50.96 3.55 44.20
CA THR D 125 -51.95 2.79 44.95
C THR D 125 -51.15 1.99 45.98
N PRO D 126 -51.62 1.94 47.22
CA PRO D 126 -50.98 1.23 48.32
C PRO D 126 -51.13 -0.27 48.23
N PRO D 127 -50.15 -1.00 48.76
CA PRO D 127 -50.15 -2.46 48.72
C PRO D 127 -51.05 -3.13 49.75
N SER D 128 -51.38 -4.39 49.51
CA SER D 128 -52.13 -5.13 50.51
C SER D 128 -51.07 -6.04 51.12
N VAL D 129 -50.87 -5.94 52.43
CA VAL D 129 -49.86 -6.78 53.07
C VAL D 129 -50.50 -8.05 53.62
N TYR D 130 -50.11 -9.19 53.04
CA TYR D 130 -50.62 -10.48 53.48
C TYR D 130 -49.58 -11.31 54.23
N PRO D 131 -49.91 -11.71 55.46
CA PRO D 131 -49.00 -12.50 56.28
C PRO D 131 -48.84 -13.88 55.67
N LEU D 132 -47.68 -14.52 55.89
CA LEU D 132 -47.46 -15.88 55.38
C LEU D 132 -46.98 -16.80 56.49
N ALA D 133 -47.93 -17.47 57.10
CA ALA D 133 -47.62 -18.42 58.17
C ALA D 133 -47.67 -19.85 57.60
N PRO D 134 -46.96 -20.80 58.24
CA PRO D 134 -46.95 -22.18 57.76
C PRO D 134 -48.32 -22.77 57.76
N GLY D 135 -48.56 -23.69 56.83
CA GLY D 135 -49.84 -24.34 56.79
C GLY D 135 -49.94 -25.12 58.08
N SER D 136 -48.79 -25.61 58.54
CA SER D 136 -48.67 -26.41 59.76
C SER D 136 -48.36 -25.55 61.00
N THR D 140 -42.36 -30.05 64.15
CA THR D 140 -41.29 -29.43 64.92
C THR D 140 -39.98 -29.46 64.12
N ASN D 141 -39.30 -28.32 64.07
CA ASN D 141 -38.01 -28.20 63.40
C ASN D 141 -37.38 -26.91 63.91
N SER D 142 -36.23 -27.04 64.54
CA SER D 142 -35.56 -25.89 65.12
C SER D 142 -35.79 -24.59 64.35
N MET D 143 -35.79 -24.65 63.03
CA MET D 143 -35.95 -23.45 62.24
C MET D 143 -37.28 -23.35 61.53
N VAL D 144 -37.90 -22.17 61.62
CA VAL D 144 -39.19 -21.96 60.97
C VAL D 144 -39.17 -20.71 60.08
N THR D 145 -39.56 -20.88 58.82
CA THR D 145 -39.59 -19.75 57.92
C THR D 145 -40.99 -19.18 57.81
N LEU D 146 -41.07 -17.86 57.90
CA LEU D 146 -42.33 -17.14 57.81
C LEU D 146 -42.15 -16.16 56.68
N GLY D 147 -43.21 -15.45 56.34
CA GLY D 147 -43.11 -14.52 55.25
C GLY D 147 -44.11 -13.41 55.31
N CYS D 148 -44.27 -12.74 54.18
CA CYS D 148 -45.18 -11.62 54.06
C CYS D 148 -45.23 -11.21 52.58
N LEU D 149 -46.45 -11.02 52.07
CA LEU D 149 -46.71 -10.68 50.67
C LEU D 149 -47.20 -9.25 50.47
N VAL D 150 -46.44 -8.49 49.68
CA VAL D 150 -46.78 -7.11 49.35
C VAL D 150 -47.36 -7.04 47.93
N LYS D 151 -48.66 -7.21 47.84
CA LYS D 151 -49.32 -7.27 46.55
C LYS D 151 -50.17 -6.10 46.09
N GLY D 152 -50.20 -5.92 44.77
CA GLY D 152 -51.01 -4.91 44.11
C GLY D 152 -50.74 -3.45 44.42
N TYR D 153 -49.47 -3.07 44.35
CA TYR D 153 -49.11 -1.70 44.64
C TYR D 153 -48.47 -0.99 43.45
N PHE D 154 -48.17 0.28 43.64
CA PHE D 154 -47.56 1.09 42.60
C PHE D 154 -47.47 2.55 43.04
N PRO D 155 -46.36 3.23 42.73
CA PRO D 155 -45.20 2.70 42.01
C PRO D 155 -44.22 2.10 43.03
N GLU D 156 -43.01 1.76 42.59
CA GLU D 156 -41.99 1.24 43.51
C GLU D 156 -41.54 2.52 44.18
N PRO D 157 -40.78 2.46 45.29
CA PRO D 157 -40.38 1.24 46.00
C PRO D 157 -41.24 1.05 47.22
N VAL D 158 -41.00 -0.07 47.89
CA VAL D 158 -41.73 -0.47 49.06
C VAL D 158 -40.63 -0.96 49.95
N THR D 159 -40.74 -0.69 51.24
CA THR D 159 -39.71 -1.12 52.14
C THR D 159 -40.27 -2.12 53.09
N VAL D 160 -39.51 -3.17 53.32
CA VAL D 160 -39.93 -4.20 54.24
C VAL D 160 -38.77 -4.54 55.12
N THR D 161 -39.10 -4.70 56.39
CA THR D 161 -38.14 -5.07 57.39
C THR D 161 -38.94 -5.87 58.40
N TRP D 162 -38.24 -6.58 59.27
CA TRP D 162 -38.90 -7.39 60.30
C TRP D 162 -38.64 -6.92 61.72
N ASN D 163 -39.74 -6.82 62.49
CA ASN D 163 -39.72 -6.36 63.87
C ASN D 163 -38.92 -5.06 63.91
N SER D 164 -39.28 -4.13 63.03
CA SER D 164 -38.60 -2.84 62.97
C SER D 164 -37.10 -2.97 62.81
N GLY D 165 -36.67 -4.09 62.24
CA GLY D 165 -35.25 -4.30 62.02
C GLY D 165 -34.58 -5.34 62.88
N SER D 166 -35.05 -5.54 64.11
CA SER D 166 -34.43 -6.52 64.99
C SER D 166 -34.07 -7.84 64.29
N LEU D 167 -34.87 -8.25 63.30
CA LEU D 167 -34.63 -9.48 62.57
C LEU D 167 -33.99 -9.17 61.21
N SER D 168 -32.69 -8.93 61.21
CA SER D 168 -31.99 -8.54 60.00
C SER D 168 -31.43 -9.76 59.33
N SER D 169 -30.71 -10.56 60.10
CA SER D 169 -30.16 -11.79 59.57
C SER D 169 -31.34 -12.70 59.29
N GLY D 170 -31.13 -13.68 58.42
CA GLY D 170 -32.20 -14.62 58.08
C GLY D 170 -33.44 -13.94 57.50
N VAL D 171 -33.22 -13.00 56.57
CA VAL D 171 -34.29 -12.24 55.93
C VAL D 171 -33.96 -12.03 54.47
N HIS D 172 -34.95 -12.24 53.60
CA HIS D 172 -34.77 -12.05 52.16
C HIS D 172 -35.92 -11.23 51.58
N THR D 173 -35.64 -10.05 51.02
CA THR D 173 -36.74 -9.31 50.42
C THR D 173 -36.50 -9.46 48.93
N PHE D 174 -37.45 -10.08 48.25
CA PHE D 174 -37.32 -10.34 46.84
C PHE D 174 -37.67 -9.17 45.97
N PRO D 175 -37.21 -9.20 44.72
CA PRO D 175 -37.50 -8.10 43.80
C PRO D 175 -38.96 -8.15 43.41
N ALA D 176 -39.51 -6.99 43.09
CA ALA D 176 -40.91 -6.88 42.69
C ALA D 176 -41.04 -7.40 41.30
N VAL D 177 -42.28 -7.74 40.95
CA VAL D 177 -42.62 -8.22 39.61
C VAL D 177 -43.92 -7.57 39.24
N LEU D 178 -44.13 -7.41 37.95
CA LEU D 178 -45.35 -6.76 37.49
C LEU D 178 -46.46 -7.77 37.33
N GLN D 179 -47.44 -7.72 38.24
CA GLN D 179 -48.59 -8.61 38.17
C GLN D 179 -49.58 -8.00 37.19
N SER D 180 -50.74 -7.63 37.72
CA SER D 180 -51.75 -7.05 36.86
C SER D 180 -51.53 -5.56 36.69
N ASP D 181 -50.53 -5.18 35.92
CA ASP D 181 -50.25 -3.76 35.75
C ASP D 181 -50.19 -3.04 37.14
N LEU D 182 -49.55 -3.71 38.12
CA LEU D 182 -49.29 -3.24 39.52
C LEU D 182 -48.20 -4.16 40.11
N TYR D 183 -47.43 -3.71 41.10
CA TYR D 183 -46.37 -4.58 41.64
C TYR D 183 -46.77 -5.45 42.80
N THR D 184 -46.08 -6.58 42.91
CA THR D 184 -46.31 -7.55 43.97
C THR D 184 -44.89 -7.94 44.32
N LEU D 185 -44.62 -8.17 45.61
CA LEU D 185 -43.28 -8.57 46.09
C LEU D 185 -43.53 -9.31 47.37
N SER D 186 -42.52 -9.99 47.87
CA SER D 186 -42.68 -10.72 49.13
C SER D 186 -41.34 -10.75 49.85
N SER D 187 -41.33 -11.38 51.02
CA SER D 187 -40.08 -11.50 51.76
C SER D 187 -40.23 -12.58 52.83
N SER D 188 -39.14 -13.32 53.04
CA SER D 188 -39.10 -14.40 54.00
C SER D 188 -38.17 -14.05 55.15
N VAL D 189 -38.45 -14.62 56.31
CA VAL D 189 -37.63 -14.42 57.49
C VAL D 189 -37.51 -15.76 58.21
N THR D 190 -36.34 -16.03 58.78
CA THR D 190 -36.11 -17.28 59.47
C THR D 190 -35.80 -17.07 60.95
N VAL D 191 -36.40 -17.92 61.78
CA VAL D 191 -36.19 -17.81 63.21
C VAL D 191 -36.33 -19.17 63.81
N PRO D 192 -35.73 -19.38 64.98
CA PRO D 192 -35.84 -20.68 65.65
C PRO D 192 -37.33 -20.88 65.92
N SER D 193 -37.73 -22.08 66.32
CA SER D 193 -39.14 -22.33 66.59
C SER D 193 -39.46 -21.96 68.02
N SER D 194 -38.43 -21.51 68.71
CA SER D 194 -38.54 -21.10 70.10
C SER D 194 -39.07 -19.64 70.13
N PRO D 195 -38.74 -18.83 69.09
CA PRO D 195 -39.15 -17.43 68.93
C PRO D 195 -40.56 -17.27 68.46
N ARG D 196 -41.04 -18.25 67.72
CA ARG D 196 -42.39 -18.18 67.21
C ARG D 196 -43.06 -19.52 67.34
N PRO D 197 -44.37 -19.53 67.61
CA PRO D 197 -45.23 -18.37 67.81
C PRO D 197 -45.05 -17.78 69.19
N SER D 198 -44.07 -18.30 69.92
CA SER D 198 -43.77 -17.85 71.27
C SER D 198 -43.74 -16.34 71.35
N GLU D 199 -42.87 -15.76 70.52
CA GLU D 199 -42.69 -14.31 70.48
C GLU D 199 -43.38 -13.72 69.26
N THR D 200 -43.35 -12.41 69.19
CA THR D 200 -43.98 -11.71 68.12
C THR D 200 -43.02 -11.55 66.96
N VAL D 201 -43.56 -11.63 65.74
CA VAL D 201 -42.81 -11.45 64.51
C VAL D 201 -43.74 -10.77 63.53
N THR D 202 -43.35 -9.58 63.06
CA THR D 202 -44.20 -8.86 62.11
C THR D 202 -43.37 -8.19 61.00
N CYS D 203 -43.99 -7.93 59.86
CA CYS D 203 -43.36 -7.27 58.73
C CYS D 203 -43.76 -5.82 58.82
N ASN D 204 -42.80 -4.91 58.77
CA ASN D 204 -43.16 -3.50 58.81
C ASN D 204 -43.01 -3.04 57.36
N VAL D 205 -44.13 -2.94 56.66
CA VAL D 205 -44.12 -2.55 55.25
C VAL D 205 -44.39 -1.06 55.05
N ALA D 206 -43.49 -0.37 54.35
CA ALA D 206 -43.68 1.05 54.06
C ALA D 206 -43.68 1.29 52.56
N HIS D 207 -44.65 2.07 52.10
CA HIS D 207 -44.77 2.41 50.68
C HIS D 207 -44.93 3.92 50.55
N PRO D 208 -43.81 4.65 50.50
CA PRO D 208 -43.77 6.11 50.41
C PRO D 208 -44.80 6.85 49.55
N ALA D 209 -44.83 6.56 48.26
CA ALA D 209 -45.76 7.25 47.36
C ALA D 209 -47.20 7.35 47.86
N SER D 210 -47.61 6.49 48.80
CA SER D 210 -48.98 6.54 49.32
C SER D 210 -49.00 6.71 50.84
N SER D 211 -47.93 7.31 51.36
CA SER D 211 -47.79 7.52 52.80
C SER D 211 -48.40 6.37 53.57
N THR D 212 -47.99 5.17 53.20
CA THR D 212 -48.47 3.97 53.84
C THR D 212 -47.36 3.26 54.59
N LYS D 213 -47.62 2.99 55.86
CA LYS D 213 -46.71 2.22 56.68
C LYS D 213 -47.74 1.23 57.24
N VAL D 214 -47.38 -0.04 57.33
CA VAL D 214 -48.33 -1.03 57.79
C VAL D 214 -47.58 -2.12 58.47
N ASP D 215 -48.09 -2.54 59.60
CA ASP D 215 -47.46 -3.62 60.30
C ASP D 215 -48.45 -4.76 60.23
N LYS D 216 -47.96 -5.91 59.80
CA LYS D 216 -48.77 -7.10 59.72
C LYS D 216 -48.05 -8.11 60.60
N LYS D 217 -48.68 -8.49 61.70
CA LYS D 217 -48.12 -9.46 62.65
C LYS D 217 -48.39 -10.88 62.13
N ILE D 218 -47.40 -11.75 62.21
CA ILE D 218 -47.57 -13.12 61.72
C ILE D 218 -48.08 -14.08 62.77
N VAL D 219 -49.36 -14.41 62.67
CA VAL D 219 -49.98 -15.32 63.61
C VAL D 219 -50.23 -16.70 63.05
N PRO D 220 -50.20 -17.72 63.91
CA PRO D 220 -50.42 -19.14 63.58
C PRO D 220 -51.72 -19.48 62.85
N ARG D 221 -51.73 -20.68 62.30
CA ARG D 221 -52.83 -21.23 61.50
C ARG D 221 -52.85 -20.44 60.18
N ASP D 222 -53.69 -20.83 59.23
CA ASP D 222 -53.83 -20.14 57.92
C ASP D 222 -52.98 -20.67 56.75
N ARG E 1 -10.73 1.02 3.05
CA ARG E 1 -11.97 1.38 2.28
C ARG E 1 -13.26 1.56 3.06
N LEU E 2 -13.54 2.85 3.26
CA LEU E 2 -14.73 3.38 3.94
C LEU E 2 -14.16 4.74 4.35
N LEU E 3 -15.01 5.71 4.65
CA LEU E 3 -14.54 7.07 5.00
C LEU E 3 -14.86 7.32 6.48
N ILE E 4 -15.13 8.58 6.82
CA ILE E 4 -15.51 8.97 8.15
C ILE E 4 -14.85 9.87 9.19
N ALA E 5 -15.59 10.03 10.30
CA ALA E 5 -15.20 10.75 11.49
C ALA E 5 -15.87 9.90 12.64
N ASP E 6 -17.09 9.36 12.49
CA ASP E 6 -17.63 8.46 13.48
C ASP E 6 -18.14 7.37 12.49
N PRO E 7 -17.44 6.20 12.47
CA PRO E 7 -17.80 5.09 11.57
C PRO E 7 -18.69 3.79 11.43
N PRO E 8 -19.09 3.41 10.13
CA PRO E 8 -19.86 2.18 9.88
C PRO E 8 -18.82 1.01 9.83
N SER E 9 -17.54 1.36 9.63
CA SER E 9 -16.39 0.40 9.59
C SER E 9 -15.33 0.64 8.47
N PRO E 10 -14.06 0.90 8.80
CA PRO E 10 -13.14 1.12 7.69
C PRO E 10 -11.79 0.37 7.60
N ARG E 11 -11.08 0.69 6.51
CA ARG E 11 -9.74 0.20 6.21
C ARG E 11 -8.90 1.26 5.43
N GLU E 12 -7.97 0.89 4.53
CA GLU E 12 -6.99 1.87 3.94
C GLU E 12 -7.12 3.25 4.58
#